data_6YV7
#
_entry.id   6YV7
#
_cell.length_a   51.449
_cell.length_b   107.608
_cell.length_c   163.572
_cell.angle_alpha   90.00
_cell.angle_beta   90.00
_cell.angle_gamma   90.00
#
_symmetry.space_group_name_H-M   'P 21 21 21'
#
loop_
_entity.id
_entity.type
_entity.pdbx_description
1 polymer 'Glycosyl transferase, family 2'
2 polymer 'Glycosyl transferase, family 2'
#
loop_
_entity_poly.entity_id
_entity_poly.type
_entity_poly.pdbx_seq_one_letter_code
_entity_poly.pdbx_strand_id
1 'polypeptide(L)'
;MLLEAIAIALTAAHFGAPLLYYWRAKRWLKKPWDVAPDPTYRPRVTVIVPTYNEAPLIEEKLDNIYEQDYPRDKLEVVVV
DSASTDGTPSAVRRWAETHPDLALTLVEETERRGKAHALNTALRHATGEIVVITDADALWPARDTLANAVKWLADPTVGA
VSCVKRPAGPAGVEDSYRDFYNVLRVAESKAWATPIFHGELAAFKRELLERLGGFPTDVGADDSHTATKIAMMGYRAITP
PDVVCVEAVPKRGYHAWRIRRAQHLVQHFAKAIRDGKAPPPFKPILHAEAYLHLANPWALPTAAAALAAAAAAGSLPAAA
LLATGAALALYKPYRTWTTMQAYLIAAAVKNLWDKE
;
A
2 'polypeptide(L)'
;LLEAIAIALTAAHFGAPLLYYWRAKRWLKKPWDVAPDPTYRPRVTVIVPTYNEAPLIEEKLDNIYEQDYPRDKLEVVVVD
SASTDGTPSAVRRWAETHPDLALTLVEETERRGKAHALNTALRHATGEIVVITDADALWPARDTLANAVKWLADPTVGAV
SCVKRPAGPAGVEDSYRDFYNVLRVAESKAWATPIFHGELAAFKRELLERLGGFPTDVGADDSHTATKIAMMGYRAITPP
DVVCVEAVPKRGYHAWRIRRAQHLVQHFAKAIRDGKAPPPFKPILHAEAYLHLANPWALPTAAAALAAAAAAGSLPAAAL
LATGAALALYKPYRTWTTMQAYLIAAAVKNLWDKE
;
B
#
# COMPACT_ATOMS: atom_id res chain seq x y z
N MET A 1 -9.57 21.13 -19.72
CA MET A 1 -10.42 19.93 -19.70
C MET A 1 -9.67 18.63 -20.12
N LEU A 2 -8.33 18.71 -20.23
CA LEU A 2 -7.59 17.57 -20.72
C LEU A 2 -7.54 16.45 -19.69
N LEU A 3 -7.85 16.77 -18.43
CA LEU A 3 -7.88 15.73 -17.42
C LEU A 3 -9.09 14.81 -17.60
N GLU A 4 -10.21 15.33 -18.12
CA GLU A 4 -11.32 14.44 -18.49
C GLU A 4 -10.95 13.53 -19.66
N ALA A 5 -10.20 14.06 -20.64
CA ALA A 5 -9.78 13.23 -21.77
C ALA A 5 -8.91 12.09 -21.27
N ILE A 6 -7.86 12.40 -20.51
CA ILE A 6 -7.04 11.32 -19.99
C ILE A 6 -7.82 10.41 -19.07
N ALA A 7 -8.77 10.95 -18.30
CA ALA A 7 -9.50 10.13 -17.33
C ALA A 7 -10.34 9.06 -18.02
N ILE A 8 -11.11 9.44 -19.03
CA ILE A 8 -11.94 8.39 -19.63
C ILE A 8 -11.25 7.70 -20.79
N ALA A 9 -10.11 8.19 -21.26
CA ALA A 9 -9.21 7.34 -22.03
C ALA A 9 -8.71 6.19 -21.15
N LEU A 10 -8.28 6.50 -19.93
CA LEU A 10 -7.82 5.45 -19.04
C LEU A 10 -8.96 4.53 -18.64
N THR A 11 -10.15 5.06 -18.45
CA THR A 11 -11.29 4.21 -18.11
C THR A 11 -11.71 3.34 -19.29
N ALA A 12 -11.67 3.87 -20.51
CA ALA A 12 -11.94 3.06 -21.69
C ALA A 12 -10.92 1.92 -21.81
N ALA A 13 -9.63 2.22 -21.67
CA ALA A 13 -8.62 1.17 -21.75
C ALA A 13 -8.83 0.13 -20.65
N HIS A 14 -9.03 0.60 -19.41
CA HIS A 14 -9.12 -0.31 -18.28
C HIS A 14 -10.32 -1.26 -18.39
N PHE A 15 -11.48 -0.76 -18.81
CA PHE A 15 -12.61 -1.68 -18.89
C PHE A 15 -12.66 -2.41 -20.21
N GLY A 16 -11.97 -1.93 -21.23
CA GLY A 16 -12.02 -2.55 -22.53
C GLY A 16 -11.13 -3.76 -22.54
N ALA A 17 -9.94 -3.68 -21.94
CA ALA A 17 -9.05 -4.83 -21.98
C ALA A 17 -9.74 -6.10 -21.51
N PRO A 18 -10.31 -6.17 -20.30
CA PRO A 18 -10.86 -7.47 -19.83
C PRO A 18 -12.01 -8.01 -20.68
N LEU A 19 -12.78 -7.15 -21.38
CA LEU A 19 -13.88 -7.68 -22.16
C LEU A 19 -13.45 -8.06 -23.57
N LEU A 20 -12.41 -7.45 -24.10
CA LEU A 20 -11.81 -7.99 -25.31
C LEU A 20 -11.21 -9.36 -25.03
N TYR A 21 -10.54 -9.50 -23.87
CA TYR A 21 -10.01 -10.81 -23.50
C TYR A 21 -11.13 -11.82 -23.25
N TYR A 22 -12.23 -11.41 -22.60
CA TYR A 22 -13.31 -12.36 -22.34
C TYR A 22 -13.96 -12.83 -23.63
N TRP A 23 -14.10 -11.93 -24.58
CA TRP A 23 -14.67 -12.28 -25.85
C TRP A 23 -13.77 -13.28 -26.53
N ARG A 24 -12.47 -13.07 -26.44
CA ARG A 24 -11.50 -13.96 -27.02
C ARG A 24 -11.58 -15.32 -26.36
N ALA A 25 -11.76 -15.32 -25.05
CA ALA A 25 -11.90 -16.54 -24.29
C ALA A 25 -13.14 -17.34 -24.63
N LYS A 26 -14.24 -16.69 -24.78
CA LYS A 26 -15.48 -17.37 -25.10
C LYS A 26 -15.35 -18.07 -26.44
N ARG A 27 -14.53 -17.49 -27.31
CA ARG A 27 -14.28 -18.08 -28.60
C ARG A 27 -13.65 -19.44 -28.41
N TRP A 28 -12.66 -19.48 -27.53
CA TRP A 28 -11.91 -20.66 -27.21
C TRP A 28 -12.76 -21.65 -26.48
N LEU A 29 -13.82 -21.16 -25.85
CA LEU A 29 -14.62 -22.00 -24.97
C LEU A 29 -15.44 -23.04 -25.71
N LYS A 30 -15.92 -22.73 -26.90
CA LYS A 30 -16.75 -23.69 -27.62
C LYS A 30 -15.92 -24.64 -28.48
N LYS A 31 -14.58 -24.49 -28.45
CA LYS A 31 -13.66 -25.45 -29.09
C LYS A 31 -13.49 -26.69 -28.20
N PRO A 32 -13.61 -27.92 -28.75
CA PRO A 32 -13.59 -29.11 -27.89
C PRO A 32 -12.18 -29.47 -27.43
N TRP A 33 -12.12 -30.12 -26.27
CA TRP A 33 -10.86 -30.47 -25.62
C TRP A 33 -9.97 -31.31 -26.54
N ASP A 34 -8.69 -30.96 -26.64
CA ASP A 34 -7.80 -31.84 -27.40
C ASP A 34 -7.21 -32.94 -26.53
N VAL A 35 -7.78 -33.14 -25.35
CA VAL A 35 -7.42 -34.22 -24.43
C VAL A 35 -8.71 -34.77 -23.83
N ALA A 36 -8.61 -35.99 -23.33
CA ALA A 36 -9.79 -36.61 -22.81
C ALA A 36 -9.53 -37.16 -21.41
N PRO A 37 -10.51 -37.06 -20.52
CA PRO A 37 -10.41 -37.83 -19.29
C PRO A 37 -10.55 -39.33 -19.56
N ASP A 38 -9.78 -40.14 -18.84
CA ASP A 38 -9.82 -41.61 -18.92
C ASP A 38 -10.25 -42.18 -17.60
N PRO A 39 -11.45 -42.75 -17.47
CA PRO A 39 -11.95 -43.16 -16.16
C PRO A 39 -11.29 -44.39 -15.56
N THR A 40 -10.54 -45.19 -16.33
CA THR A 40 -9.91 -46.40 -15.80
C THR A 40 -8.44 -46.21 -15.44
N TYR A 41 -7.93 -44.99 -15.57
CA TYR A 41 -6.57 -44.63 -15.17
C TYR A 41 -6.47 -44.65 -13.64
N ARG A 42 -5.53 -45.40 -13.10
CA ARG A 42 -5.43 -45.60 -11.65
C ARG A 42 -3.99 -45.46 -11.18
N PRO A 43 -3.45 -44.25 -11.15
CA PRO A 43 -2.10 -44.08 -10.63
C PRO A 43 -2.10 -44.03 -9.12
N ARG A 44 -0.92 -44.15 -8.56
CA ARG A 44 -0.79 -44.02 -7.12
C ARG A 44 -0.80 -42.53 -6.79
N VAL A 45 -1.62 -42.14 -5.80
CA VAL A 45 -1.92 -40.73 -5.57
C VAL A 45 -1.57 -40.36 -4.13
N THR A 46 -0.76 -39.31 -3.98
CA THR A 46 -0.38 -38.76 -2.67
C THR A 46 -1.07 -37.42 -2.46
N VAL A 47 -1.91 -37.34 -1.43
CA VAL A 47 -2.57 -36.10 -1.07
C VAL A 47 -1.78 -35.46 0.07
N ILE A 48 -1.29 -34.24 -0.13
CA ILE A 48 -0.44 -33.57 0.82
C ILE A 48 -1.24 -32.42 1.43
N VAL A 49 -1.48 -32.46 2.73
CA VAL A 49 -2.13 -31.27 3.29
C VAL A 49 -1.14 -30.60 4.24
N PRO A 50 -0.69 -29.39 3.92
CA PRO A 50 0.20 -28.66 4.82
C PRO A 50 -0.61 -27.95 5.89
N THR A 51 -0.17 -28.10 7.12
CA THR A 51 -0.94 -27.57 8.22
C THR A 51 0.00 -26.85 9.16
N TYR A 52 -0.43 -25.68 9.59
CA TYR A 52 0.17 -25.05 10.75
C TYR A 52 -0.95 -24.54 11.64
N ASN A 53 -1.08 -25.15 12.82
CA ASN A 53 -2.06 -24.75 13.83
C ASN A 53 -3.45 -24.60 13.21
N GLU A 54 -4.02 -25.76 12.87
CA GLU A 54 -5.41 -25.87 12.49
C GLU A 54 -5.92 -27.18 13.07
N ALA A 55 -5.71 -27.35 14.38
CA ALA A 55 -6.22 -28.55 15.05
C ALA A 55 -7.73 -28.68 14.94
N PRO A 56 -8.55 -27.58 14.98
CA PRO A 56 -9.99 -27.73 14.69
C PRO A 56 -10.30 -28.46 13.38
N LEU A 57 -9.80 -27.90 12.26
CA LEU A 57 -10.16 -28.35 10.91
C LEU A 57 -9.59 -29.71 10.53
N ILE A 58 -8.43 -30.09 11.07
CA ILE A 58 -7.69 -31.25 10.54
C ILE A 58 -8.49 -32.54 10.67
N GLU A 59 -9.24 -32.68 11.77
CA GLU A 59 -10.08 -33.85 12.01
C GLU A 59 -11.00 -34.11 10.82
N GLU A 60 -11.84 -33.13 10.49
CA GLU A 60 -12.79 -33.36 9.42
C GLU A 60 -12.16 -33.26 8.04
N LYS A 61 -11.05 -32.52 7.87
CA LYS A 61 -10.35 -32.52 6.59
C LYS A 61 -9.83 -33.91 6.24
N LEU A 62 -9.22 -34.58 7.21
CA LEU A 62 -8.86 -35.98 7.01
C LEU A 62 -10.10 -36.83 6.77
N ASP A 63 -11.21 -36.49 7.43
CA ASP A 63 -12.45 -37.22 7.18
C ASP A 63 -12.90 -37.09 5.74
N ASN A 64 -12.75 -35.90 5.18
CA ASN A 64 -13.13 -35.60 3.80
C ASN A 64 -12.25 -36.36 2.81
N ILE A 65 -10.96 -36.46 3.08
CA ILE A 65 -10.10 -37.26 2.21
C ILE A 65 -10.45 -38.73 2.34
N TYR A 66 -10.72 -39.17 3.57
CA TYR A 66 -11.03 -40.58 3.83
C TYR A 66 -12.23 -41.06 3.02
N GLU A 67 -13.26 -40.22 2.93
CA GLU A 67 -14.53 -40.55 2.31
C GLU A 67 -14.53 -40.47 0.78
N GLN A 68 -13.38 -40.28 0.13
CA GLN A 68 -13.31 -40.30 -1.32
C GLN A 68 -13.43 -41.74 -1.82
N ASP A 69 -14.18 -41.92 -2.91
CA ASP A 69 -14.36 -43.24 -3.51
C ASP A 69 -13.11 -43.77 -4.23
N TYR A 70 -12.06 -42.97 -4.38
CA TYR A 70 -10.87 -43.48 -5.04
C TYR A 70 -10.30 -44.66 -4.26
N PRO A 71 -9.83 -45.71 -4.93
CA PRO A 71 -9.39 -46.93 -4.21
C PRO A 71 -8.20 -46.69 -3.28
N ARG A 72 -8.31 -47.19 -2.04
CA ARG A 72 -7.34 -46.84 -1.00
C ARG A 72 -5.98 -47.51 -1.17
N ASP A 73 -5.88 -48.62 -1.88
CA ASP A 73 -4.55 -49.18 -2.07
C ASP A 73 -3.69 -48.30 -2.96
N LYS A 74 -4.30 -47.36 -3.67
CA LYS A 74 -3.59 -46.42 -4.54
C LYS A 74 -3.59 -45.01 -3.97
N LEU A 75 -3.90 -44.85 -2.68
CA LEU A 75 -4.05 -43.55 -2.07
C LEU A 75 -3.29 -43.46 -0.76
N GLU A 76 -2.51 -42.40 -0.59
CA GLU A 76 -1.82 -42.16 0.67
C GLU A 76 -1.87 -40.67 0.96
N VAL A 77 -1.72 -40.32 2.23
CA VAL A 77 -1.83 -38.93 2.66
C VAL A 77 -0.61 -38.56 3.49
N VAL A 78 -0.04 -37.39 3.21
CA VAL A 78 1.06 -36.84 4.01
C VAL A 78 0.59 -35.49 4.56
N VAL A 79 0.42 -35.44 5.88
CA VAL A 79 0.07 -34.20 6.55
C VAL A 79 1.38 -33.60 7.00
N VAL A 80 1.78 -32.49 6.40
CA VAL A 80 3.10 -31.95 6.73
C VAL A 80 2.93 -30.77 7.68
N ASP A 81 3.47 -30.90 8.88
CA ASP A 81 3.26 -29.88 9.91
C ASP A 81 4.59 -29.26 10.32
N SER A 82 4.65 -27.94 10.23
CA SER A 82 5.87 -27.20 10.47
C SER A 82 5.99 -26.71 11.90
N ALA A 83 6.15 -27.67 12.84
CA ALA A 83 6.35 -27.34 14.23
C ALA A 83 5.22 -26.43 14.72
N SER A 84 4.05 -27.00 14.99
CA SER A 84 2.85 -26.24 15.32
C SER A 84 2.65 -26.08 16.83
N THR A 85 2.18 -24.89 17.25
CA THR A 85 1.91 -24.66 18.68
C THR A 85 0.85 -25.61 19.22
N ASP A 86 -0.27 -25.71 18.51
CA ASP A 86 -1.39 -26.56 18.90
C ASP A 86 -0.96 -28.03 18.93
N GLY A 87 -1.90 -28.90 19.33
CA GLY A 87 -1.67 -30.34 19.30
C GLY A 87 -2.03 -31.04 17.99
N THR A 88 -1.79 -30.36 16.85
CA THR A 88 -2.07 -30.96 15.55
C THR A 88 -1.21 -32.16 15.19
N PRO A 89 0.12 -32.19 15.44
CA PRO A 89 0.89 -33.39 15.06
C PRO A 89 0.28 -34.66 15.52
N SER A 90 -0.14 -34.70 16.74
CA SER A 90 -1.01 -35.89 17.01
C SER A 90 -2.52 -35.70 17.09
N ALA A 91 -3.05 -34.51 16.71
CA ALA A 91 -4.42 -34.61 16.19
C ALA A 91 -4.45 -35.61 15.02
N VAL A 92 -3.45 -35.53 14.13
CA VAL A 92 -3.27 -36.56 13.10
C VAL A 92 -2.84 -37.95 13.70
N ARG A 93 -2.08 -38.03 14.85
CA ARG A 93 -2.08 -39.33 15.59
C ARG A 93 -3.47 -39.90 15.78
N ARG A 94 -4.37 -39.07 16.31
CA ARG A 94 -5.68 -39.51 16.76
C ARG A 94 -6.39 -40.19 15.60
N TRP A 95 -6.58 -39.38 14.59
CA TRP A 95 -7.29 -39.80 13.41
C TRP A 95 -6.58 -40.97 12.77
N ALA A 96 -5.23 -40.89 12.67
CA ALA A 96 -4.49 -41.87 11.89
C ALA A 96 -4.59 -43.25 12.46
N GLU A 97 -4.61 -43.38 13.78
CA GLU A 97 -4.91 -44.71 14.30
C GLU A 97 -6.38 -44.93 14.51
N THR A 98 -7.23 -43.99 14.11
CA THR A 98 -8.62 -44.39 14.22
C THR A 98 -9.16 -44.80 12.84
N HIS A 99 -8.47 -44.39 11.76
CA HIS A 99 -8.73 -44.85 10.39
C HIS A 99 -7.49 -45.56 9.84
N PRO A 100 -7.30 -46.82 10.16
CA PRO A 100 -6.04 -47.51 9.80
C PRO A 100 -5.91 -47.96 8.35
N ASP A 101 -7.03 -48.21 7.66
CA ASP A 101 -7.01 -48.61 6.26
C ASP A 101 -6.44 -47.52 5.34
N LEU A 102 -6.38 -46.29 5.80
CA LEU A 102 -5.91 -45.15 5.01
C LEU A 102 -4.44 -44.89 5.32
N ALA A 103 -3.57 -45.15 4.34
CA ALA A 103 -2.14 -44.98 4.51
C ALA A 103 -1.83 -43.50 4.75
N LEU A 104 -1.25 -43.19 5.89
CA LEU A 104 -0.96 -41.81 6.26
C LEU A 104 0.46 -41.75 6.81
N THR A 105 1.13 -40.62 6.54
CA THR A 105 2.43 -40.33 7.12
C THR A 105 2.41 -38.90 7.64
N LEU A 106 2.59 -38.70 8.93
CA LEU A 106 2.75 -37.34 9.43
C LEU A 106 4.24 -37.09 9.59
N VAL A 107 4.76 -36.16 8.81
CA VAL A 107 6.16 -35.77 8.90
C VAL A 107 6.19 -34.38 9.48
N GLU A 108 7.04 -34.17 10.47
CA GLU A 108 7.12 -32.87 11.09
C GLU A 108 8.55 -32.39 11.08
N GLU A 109 8.67 -31.08 10.99
CA GLU A 109 9.91 -30.41 10.70
C GLU A 109 10.37 -29.63 11.91
N THR A 110 11.70 -29.58 12.07
CA THR A 110 12.46 -28.71 12.96
C THR A 110 11.79 -27.37 13.26
N GLU A 111 11.32 -26.71 12.21
CA GLU A 111 11.15 -25.27 12.16
C GLU A 111 9.93 -24.95 11.32
N ARG A 112 9.22 -23.89 11.69
CA ARG A 112 8.32 -23.28 10.72
C ARG A 112 9.12 -22.45 9.72
N ARG A 113 9.04 -22.79 8.42
CA ARG A 113 9.71 -22.01 7.38
C ARG A 113 8.85 -21.87 6.13
N GLY A 114 7.55 -21.62 6.27
CA GLY A 114 6.74 -21.30 5.11
C GLY A 114 6.19 -22.52 4.39
N LYS A 115 5.22 -22.24 3.49
CA LYS A 115 4.44 -23.29 2.83
C LYS A 115 5.31 -24.14 1.90
N ALA A 116 6.07 -23.49 1.01
CA ALA A 116 6.86 -24.22 0.02
C ALA A 116 7.88 -25.14 0.68
N HIS A 117 8.51 -24.71 1.76
CA HIS A 117 9.45 -25.58 2.46
C HIS A 117 8.78 -26.86 2.94
N ALA A 118 7.62 -26.71 3.60
CA ALA A 118 6.88 -27.88 4.07
C ALA A 118 6.55 -28.81 2.92
N LEU A 119 6.09 -28.24 1.81
CA LEU A 119 5.75 -29.04 0.64
C LEU A 119 6.95 -29.79 0.11
N ASN A 120 8.10 -29.15 0.03
CA ASN A 120 9.29 -29.82 -0.48
C ASN A 120 9.69 -31.00 0.42
N THR A 121 9.65 -30.80 1.73
CA THR A 121 10.03 -31.92 2.60
C THR A 121 9.01 -33.04 2.48
N ALA A 122 7.72 -32.70 2.38
CA ALA A 122 6.70 -33.73 2.21
C ALA A 122 6.89 -34.47 0.89
N LEU A 123 7.38 -33.78 -0.13
CA LEU A 123 7.48 -34.33 -1.48
C LEU A 123 8.31 -35.61 -1.55
N ARG A 124 9.47 -35.64 -0.89
CA ARG A 124 10.32 -36.82 -1.03
C ARG A 124 9.93 -37.95 -0.08
N HIS A 125 8.87 -37.79 0.72
CA HIS A 125 8.24 -38.91 1.43
C HIS A 125 7.01 -39.45 0.69
N ALA A 126 6.68 -38.87 -0.45
CA ALA A 126 5.51 -39.22 -1.25
C ALA A 126 5.93 -40.28 -2.25
N THR A 127 5.09 -41.30 -2.40
CA THR A 127 5.34 -42.45 -3.24
C THR A 127 4.47 -42.49 -4.50
N GLY A 128 3.50 -41.52 -4.64
CA GLY A 128 2.50 -41.56 -5.70
C GLY A 128 3.00 -40.99 -7.02
N GLU A 129 2.32 -41.32 -8.11
CA GLU A 129 2.67 -40.75 -9.41
C GLU A 129 2.03 -39.38 -9.58
N ILE A 130 0.99 -39.13 -8.82
CA ILE A 130 0.27 -37.88 -8.79
C ILE A 130 0.35 -37.36 -7.38
N VAL A 131 0.71 -36.10 -7.25
CA VAL A 131 0.77 -35.37 -6.00
C VAL A 131 -0.31 -34.30 -6.04
N VAL A 132 -1.25 -34.36 -5.10
CA VAL A 132 -2.36 -33.43 -4.98
C VAL A 132 -2.16 -32.62 -3.72
N ILE A 133 -1.91 -31.34 -3.87
CA ILE A 133 -1.83 -30.43 -2.72
C ILE A 133 -3.24 -29.92 -2.43
N THR A 134 -3.60 -29.86 -1.16
CA THR A 134 -4.88 -29.26 -0.81
C THR A 134 -4.78 -28.59 0.56
N ASP A 135 -5.53 -27.50 0.71
CA ASP A 135 -5.55 -26.77 1.97
C ASP A 135 -6.43 -27.46 3.00
N ALA A 136 -5.99 -27.44 4.25
CA ALA A 136 -6.68 -28.14 5.33
C ALA A 136 -8.09 -27.61 5.55
N ASP A 137 -8.34 -26.38 5.18
CA ASP A 137 -9.67 -25.80 5.32
C ASP A 137 -10.54 -26.01 4.10
N ALA A 138 -10.05 -26.69 3.07
CA ALA A 138 -10.83 -26.92 1.87
C ALA A 138 -11.43 -28.33 1.93
N LEU A 139 -12.71 -28.42 1.61
CA LEU A 139 -13.43 -29.68 1.64
C LEU A 139 -13.95 -29.99 0.26
N TRP A 140 -13.77 -31.23 -0.16
CA TRP A 140 -14.20 -31.62 -1.46
C TRP A 140 -15.68 -31.96 -1.43
N PRO A 141 -16.49 -31.38 -2.33
CA PRO A 141 -17.94 -31.50 -2.22
C PRO A 141 -18.47 -32.89 -2.46
N ALA A 142 -17.83 -33.67 -3.32
CA ALA A 142 -18.30 -34.97 -3.74
C ALA A 142 -17.29 -36.05 -3.37
N ARG A 143 -17.77 -37.30 -3.29
CA ARG A 143 -16.85 -38.39 -2.98
C ARG A 143 -16.05 -38.84 -4.19
N ASP A 144 -16.32 -38.29 -5.38
CA ASP A 144 -15.56 -38.60 -6.58
C ASP A 144 -14.79 -37.38 -7.10
N THR A 145 -14.60 -36.36 -6.25
CA THR A 145 -13.87 -35.16 -6.66
C THR A 145 -12.42 -35.50 -7.01
N LEU A 146 -11.72 -36.15 -6.09
CA LEU A 146 -10.34 -36.54 -6.36
C LEU A 146 -10.23 -37.42 -7.62
N ALA A 147 -11.13 -38.41 -7.78
CA ALA A 147 -11.13 -39.26 -8.97
C ALA A 147 -11.39 -38.46 -10.25
N ASN A 148 -12.26 -37.45 -10.20
CA ASN A 148 -12.49 -36.61 -11.37
C ASN A 148 -11.22 -35.85 -11.78
N ALA A 149 -10.51 -35.27 -10.82
CA ALA A 149 -9.22 -34.66 -11.12
C ALA A 149 -8.24 -35.66 -11.72
N VAL A 150 -8.14 -36.84 -11.11
CA VAL A 150 -7.18 -37.84 -11.58
C VAL A 150 -7.52 -38.30 -13.01
N LYS A 151 -8.79 -38.53 -13.30
CA LYS A 151 -9.13 -38.97 -14.63
C LYS A 151 -8.66 -37.95 -15.66
N TRP A 152 -8.71 -36.64 -15.34
CA TRP A 152 -8.18 -35.67 -16.31
C TRP A 152 -6.66 -35.76 -16.45
N LEU A 153 -5.96 -36.36 -15.50
CA LEU A 153 -4.51 -36.43 -15.67
C LEU A 153 -3.99 -37.56 -16.62
N ALA A 154 -4.85 -38.41 -17.20
CA ALA A 154 -4.36 -39.59 -17.94
C ALA A 154 -3.49 -39.25 -19.15
N ASP A 155 -3.87 -38.26 -19.94
CA ASP A 155 -3.10 -38.00 -21.16
C ASP A 155 -1.66 -37.59 -20.83
N PRO A 156 -0.66 -38.13 -21.52
CA PRO A 156 0.74 -37.77 -21.24
C PRO A 156 1.06 -36.33 -21.45
N THR A 157 0.20 -35.57 -22.14
CA THR A 157 0.49 -34.16 -22.33
C THR A 157 -0.04 -33.29 -21.20
N VAL A 158 -0.84 -33.84 -20.32
CA VAL A 158 -1.36 -33.09 -19.19
C VAL A 158 -0.45 -33.32 -17.99
N GLY A 159 0.18 -32.24 -17.52
CA GLY A 159 1.06 -32.28 -16.36
C GLY A 159 0.45 -31.82 -15.04
N ALA A 160 -0.71 -31.16 -15.10
CA ALA A 160 -1.28 -30.52 -13.91
C ALA A 160 -2.79 -30.28 -14.08
N VAL A 161 -3.54 -30.51 -13.00
CA VAL A 161 -5.01 -30.37 -12.99
C VAL A 161 -5.45 -29.64 -11.72
N SER A 162 -6.38 -28.68 -11.86
CA SER A 162 -6.94 -28.03 -10.69
C SER A 162 -8.46 -27.90 -10.88
N CYS A 163 -9.12 -27.35 -9.88
CA CYS A 163 -10.57 -27.24 -9.94
C CYS A 163 -11.04 -25.88 -10.43
N VAL A 164 -12.26 -25.88 -10.83
CA VAL A 164 -13.12 -24.73 -10.92
C VAL A 164 -13.88 -24.57 -9.61
N LYS A 165 -14.04 -23.33 -9.14
CA LYS A 165 -14.60 -23.06 -7.83
C LYS A 165 -16.05 -22.65 -7.93
N ARG A 166 -16.79 -22.95 -6.87
CA ARG A 166 -18.15 -22.51 -6.60
C ARG A 166 -18.23 -21.92 -5.20
N PRO A 167 -19.26 -21.08 -4.93
CA PRO A 167 -19.45 -20.59 -3.55
C PRO A 167 -20.34 -21.48 -2.66
N ARG A 178 -16.78 -15.34 -9.97
CA ARG A 178 -17.83 -15.03 -10.93
C ARG A 178 -17.83 -16.09 -12.02
N ASP A 179 -18.82 -16.00 -12.92
CA ASP A 179 -18.77 -16.81 -14.11
C ASP A 179 -17.69 -16.32 -15.06
N PHE A 180 -17.41 -15.02 -15.04
CA PHE A 180 -16.34 -14.45 -15.87
C PHE A 180 -14.99 -15.11 -15.60
N TYR A 181 -14.68 -15.30 -14.31
CA TYR A 181 -13.44 -15.94 -13.88
C TYR A 181 -13.35 -17.38 -14.38
N ASN A 182 -14.41 -18.15 -14.13
CA ASN A 182 -14.42 -19.56 -14.50
C ASN A 182 -14.35 -19.71 -16.01
N VAL A 183 -14.96 -18.78 -16.74
CA VAL A 183 -14.82 -18.75 -18.19
C VAL A 183 -13.37 -18.57 -18.57
N LEU A 184 -12.68 -17.63 -17.91
CA LEU A 184 -11.26 -17.47 -18.22
C LEU A 184 -10.51 -18.76 -17.98
N ARG A 185 -10.82 -19.42 -16.87
CA ARG A 185 -10.09 -20.61 -16.45
C ARG A 185 -10.28 -21.76 -17.46
N VAL A 186 -11.52 -22.16 -17.71
CA VAL A 186 -11.65 -23.31 -18.58
C VAL A 186 -11.37 -22.94 -20.04
N ALA A 187 -11.56 -21.66 -20.44
CA ALA A 187 -11.19 -21.25 -21.79
C ALA A 187 -9.68 -21.35 -22.00
N GLU A 188 -8.90 -20.77 -21.09
CA GLU A 188 -7.45 -20.84 -21.21
C GLU A 188 -6.97 -22.28 -21.12
N SER A 189 -7.68 -23.11 -20.32
CA SER A 189 -7.31 -24.52 -20.18
C SER A 189 -7.49 -25.25 -21.50
N LYS A 190 -8.62 -25.01 -22.16
CA LYS A 190 -8.82 -25.61 -23.48
C LYS A 190 -7.78 -25.10 -24.48
N ALA A 191 -7.49 -23.80 -24.45
CA ALA A 191 -6.51 -23.24 -25.38
C ALA A 191 -5.14 -23.86 -25.19
N TRP A 192 -4.70 -24.01 -23.97
CA TRP A 192 -3.46 -24.73 -23.69
C TRP A 192 -3.36 -24.97 -22.19
N ALA A 193 -3.12 -23.90 -21.45
CA ALA A 193 -2.99 -23.97 -20.00
C ALA A 193 -3.59 -22.71 -19.43
N THR A 194 -3.91 -22.75 -18.15
CA THR A 194 -4.29 -21.55 -17.43
C THR A 194 -3.24 -21.23 -16.37
N PRO A 195 -2.85 -19.97 -16.20
CA PRO A 195 -1.75 -19.67 -15.26
C PRO A 195 -2.17 -19.56 -13.81
N ILE A 196 -3.45 -19.80 -13.48
CA ILE A 196 -3.93 -19.71 -12.10
C ILE A 196 -4.51 -21.06 -11.69
N PHE A 197 -3.99 -21.62 -10.61
CA PHE A 197 -4.53 -22.81 -9.98
C PHE A 197 -5.11 -22.43 -8.61
N HIS A 198 -5.83 -23.38 -8.00
CA HIS A 198 -6.50 -23.17 -6.72
C HIS A 198 -6.06 -24.20 -5.69
N GLY A 199 -5.75 -23.71 -4.48
CA GLY A 199 -5.20 -24.55 -3.43
C GLY A 199 -6.16 -25.58 -2.86
N GLU A 200 -7.44 -25.47 -3.23
CA GLU A 200 -8.43 -26.45 -2.80
C GLU A 200 -8.12 -27.85 -3.32
N LEU A 201 -7.54 -27.92 -4.53
CA LEU A 201 -7.12 -29.13 -5.23
C LEU A 201 -6.12 -28.73 -6.31
N ALA A 202 -4.84 -29.02 -6.11
CA ALA A 202 -3.83 -28.76 -7.12
C ALA A 202 -3.03 -30.05 -7.35
N ALA A 203 -3.25 -30.73 -8.49
CA ALA A 203 -2.66 -32.04 -8.74
C ALA A 203 -1.59 -32.00 -9.82
N PHE A 204 -0.42 -32.53 -9.52
CA PHE A 204 0.69 -32.46 -10.43
C PHE A 204 1.25 -33.85 -10.62
N LYS A 205 1.82 -34.09 -11.80
CA LYS A 205 2.58 -35.32 -11.97
C LYS A 205 3.92 -35.21 -11.28
N ARG A 206 4.21 -36.16 -10.40
CA ARG A 206 5.41 -36.02 -9.59
C ARG A 206 6.68 -36.04 -10.42
N GLU A 207 6.78 -36.80 -11.54
CA GLU A 207 8.00 -36.66 -12.34
C GLU A 207 8.23 -35.17 -12.64
N LEU A 208 7.17 -34.43 -12.98
CA LEU A 208 7.38 -33.02 -13.33
C LEU A 208 7.79 -32.20 -12.11
N LEU A 209 7.14 -32.41 -10.95
CA LEU A 209 7.56 -31.69 -9.75
C LEU A 209 9.04 -31.90 -9.48
N GLU A 210 9.55 -33.12 -9.68
CA GLU A 210 10.96 -33.28 -9.36
C GLU A 210 11.87 -32.97 -10.53
N ARG A 211 11.32 -32.72 -11.71
CA ARG A 211 12.13 -32.01 -12.67
C ARG A 211 12.27 -30.51 -12.34
N LEU A 212 11.43 -29.93 -11.47
CA LEU A 212 11.34 -28.47 -11.37
C LEU A 212 12.33 -27.75 -10.45
N GLY A 213 12.90 -28.36 -9.39
CA GLY A 213 12.51 -29.61 -8.79
C GLY A 213 12.02 -29.41 -7.36
N GLY A 214 10.76 -29.73 -7.14
CA GLY A 214 10.09 -29.38 -5.91
C GLY A 214 9.41 -28.04 -6.07
N PHE A 215 8.95 -27.48 -4.95
CA PHE A 215 8.32 -26.17 -5.06
C PHE A 215 9.31 -25.11 -4.66
N PRO A 216 9.41 -24.05 -5.44
CA PRO A 216 10.30 -22.90 -5.23
C PRO A 216 9.80 -22.04 -4.11
N THR A 217 10.71 -21.55 -3.28
CA THR A 217 10.35 -20.73 -2.12
C THR A 217 10.09 -19.26 -2.43
N ASP A 218 10.43 -18.84 -3.63
CA ASP A 218 10.27 -17.46 -4.05
C ASP A 218 8.87 -16.93 -4.13
N VAL A 219 7.93 -17.75 -4.56
CA VAL A 219 6.58 -17.27 -4.76
C VAL A 219 5.50 -17.82 -3.83
N GLY A 220 4.60 -16.93 -3.46
CA GLY A 220 3.47 -17.23 -2.62
C GLY A 220 2.43 -18.13 -3.24
N ALA A 221 2.14 -17.93 -4.51
CA ALA A 221 1.18 -18.76 -5.21
C ALA A 221 1.84 -19.98 -5.75
N ASP A 222 2.22 -20.85 -4.85
CA ASP A 222 2.91 -22.09 -5.21
C ASP A 222 2.17 -22.88 -6.29
N ASP A 223 0.87 -23.10 -6.11
CA ASP A 223 0.09 -23.85 -7.08
C ASP A 223 0.21 -23.22 -8.48
N SER A 224 -0.10 -21.91 -8.60
CA SER A 224 -0.17 -21.25 -9.90
C SER A 224 1.20 -21.05 -10.51
N HIS A 225 2.21 -20.93 -9.68
CA HIS A 225 3.57 -20.85 -10.18
C HIS A 225 4.04 -22.19 -10.69
N THR A 226 3.67 -23.28 -9.99
CA THR A 226 4.08 -24.60 -10.46
C THR A 226 3.28 -25.02 -11.69
N ALA A 227 1.98 -24.68 -11.71
CA ALA A 227 1.16 -24.93 -12.89
C ALA A 227 1.72 -24.21 -14.10
N THR A 228 2.16 -22.97 -13.88
CA THR A 228 2.69 -22.17 -14.97
C THR A 228 4.03 -22.71 -15.44
N LYS A 229 4.87 -23.18 -14.53
CA LYS A 229 6.16 -23.68 -14.98
C LYS A 229 6.01 -25.02 -15.71
N ILE A 230 5.03 -25.82 -15.32
CA ILE A 230 4.67 -27.01 -16.06
C ILE A 230 4.13 -26.64 -17.44
N ALA A 231 3.37 -25.55 -17.52
CA ALA A 231 2.90 -25.10 -18.84
C ALA A 231 4.05 -24.56 -19.72
N MET A 232 5.01 -23.84 -19.14
CA MET A 232 6.12 -23.38 -19.98
C MET A 232 6.94 -24.55 -20.48
N MET A 233 6.94 -25.65 -19.76
CA MET A 233 7.72 -26.81 -20.20
C MET A 233 7.04 -27.60 -21.32
N GLY A 234 5.88 -27.15 -21.76
CA GLY A 234 5.14 -27.80 -22.82
C GLY A 234 4.09 -28.81 -22.40
N TYR A 235 3.77 -28.92 -21.12
CA TYR A 235 2.68 -29.77 -20.68
C TYR A 235 1.42 -28.94 -20.47
N ARG A 236 0.27 -29.61 -20.42
CA ARG A 236 -1.00 -28.92 -20.22
C ARG A 236 -1.27 -28.77 -18.73
N ALA A 237 -1.75 -27.59 -18.32
CA ALA A 237 -2.19 -27.32 -16.95
C ALA A 237 -3.61 -26.79 -17.01
N ILE A 238 -4.59 -27.58 -16.58
CA ILE A 238 -5.97 -27.36 -16.97
C ILE A 238 -6.90 -27.40 -15.77
N THR A 239 -8.05 -26.75 -15.89
CA THR A 239 -9.10 -26.78 -14.86
C THR A 239 -10.40 -27.21 -15.52
N PRO A 240 -10.69 -28.49 -15.55
CA PRO A 240 -11.92 -28.97 -16.23
C PRO A 240 -13.19 -28.59 -15.47
N PRO A 241 -14.26 -28.24 -16.17
CA PRO A 241 -15.49 -27.80 -15.48
C PRO A 241 -16.12 -28.81 -14.54
N ASP A 242 -15.82 -30.09 -14.67
CA ASP A 242 -16.46 -31.06 -13.78
C ASP A 242 -15.59 -31.41 -12.57
N VAL A 243 -14.42 -30.80 -12.45
CA VAL A 243 -13.62 -30.86 -11.22
C VAL A 243 -13.93 -29.58 -10.46
N VAL A 244 -14.86 -29.62 -9.51
CA VAL A 244 -15.34 -28.42 -8.82
C VAL A 244 -15.08 -28.52 -7.32
N CYS A 245 -14.51 -27.47 -6.77
CA CYS A 245 -14.33 -27.31 -5.34
C CYS A 245 -15.21 -26.16 -4.87
N VAL A 246 -15.37 -26.03 -3.57
CA VAL A 246 -16.07 -24.88 -3.03
C VAL A 246 -15.03 -24.05 -2.30
N GLU A 247 -15.11 -22.74 -2.51
CA GLU A 247 -14.10 -21.82 -2.00
C GLU A 247 -14.17 -21.73 -0.47
N ALA A 248 -13.03 -21.70 0.17
CA ALA A 248 -13.05 -21.56 1.61
C ALA A 248 -12.80 -20.11 1.98
N VAL A 249 -13.82 -19.45 2.46
CA VAL A 249 -13.73 -18.06 2.83
C VAL A 249 -13.85 -17.95 4.33
N PRO A 250 -12.86 -17.36 4.98
CA PRO A 250 -12.87 -17.17 6.42
C PRO A 250 -13.84 -16.08 6.75
N LYS A 251 -14.55 -16.17 7.86
CA LYS A 251 -15.51 -15.13 8.21
C LYS A 251 -14.90 -13.75 8.49
N ARG A 252 -13.76 -13.74 9.16
CA ARG A 252 -13.14 -12.48 9.52
C ARG A 252 -11.76 -12.33 8.91
N GLY A 253 -11.38 -11.08 8.64
CA GLY A 253 -10.11 -10.83 8.00
C GLY A 253 -10.23 -11.06 6.51
N TYR A 254 -11.44 -10.90 6.01
CA TYR A 254 -11.69 -11.16 4.62
C TYR A 254 -10.94 -10.29 3.64
N HIS A 255 -10.95 -8.98 3.84
CA HIS A 255 -10.23 -8.08 2.95
C HIS A 255 -8.73 -8.35 3.02
N ALA A 256 -8.20 -8.58 4.22
CA ALA A 256 -6.78 -8.86 4.35
C ALA A 256 -6.40 -10.13 3.61
N TRP A 257 -7.24 -11.16 3.75
CA TRP A 257 -7.03 -12.42 3.07
C TRP A 257 -7.06 -12.27 1.54
N ARG A 258 -8.06 -11.52 1.03
CA ARG A 258 -8.14 -11.32 -0.42
C ARG A 258 -6.94 -10.53 -0.92
N ILE A 259 -6.48 -9.54 -0.15
CA ILE A 259 -5.30 -8.78 -0.52
C ILE A 259 -4.08 -9.68 -0.48
N ARG A 260 -4.06 -10.66 0.42
CA ARG A 260 -2.91 -11.54 0.51
C ARG A 260 -2.85 -12.50 -0.67
N ARG A 261 -4.01 -12.97 -1.14
CA ARG A 261 -3.97 -13.84 -2.30
C ARG A 261 -3.66 -13.06 -3.56
N ALA A 262 -4.14 -11.83 -3.65
CA ALA A 262 -3.73 -10.96 -4.73
C ALA A 262 -2.24 -10.70 -4.71
N GLN A 263 -1.65 -10.57 -3.53
CA GLN A 263 -0.21 -10.39 -3.44
C GLN A 263 0.53 -11.60 -4.01
N HIS A 264 0.09 -12.82 -3.66
CA HIS A 264 0.66 -14.02 -4.28
C HIS A 264 0.51 -13.98 -5.81
N LEU A 265 -0.66 -13.59 -6.31
CA LEU A 265 -0.85 -13.48 -7.75
C LEU A 265 0.07 -12.44 -8.40
N VAL A 266 0.29 -11.27 -7.78
CA VAL A 266 1.11 -10.31 -8.49
C VAL A 266 2.58 -10.71 -8.39
N GLN A 267 3.02 -11.37 -7.32
CA GLN A 267 4.40 -11.88 -7.36
C GLN A 267 4.55 -12.98 -8.40
N HIS A 268 3.55 -13.85 -8.50
CA HIS A 268 3.62 -14.92 -9.46
C HIS A 268 3.74 -14.37 -10.88
N PHE A 269 2.81 -13.50 -11.29
CA PHE A 269 2.82 -13.01 -12.67
C PHE A 269 4.02 -12.14 -12.96
N ALA A 270 4.46 -11.33 -11.98
CA ALA A 270 5.66 -10.54 -12.19
C ALA A 270 6.87 -11.43 -12.43
N LYS A 271 7.00 -12.51 -11.68
CA LYS A 271 8.13 -13.41 -11.88
C LYS A 271 7.99 -14.22 -13.17
N ALA A 272 6.76 -14.62 -13.54
CA ALA A 272 6.53 -15.52 -14.67
C ALA A 272 6.79 -14.82 -16.01
N ILE A 273 6.40 -13.54 -16.16
CA ILE A 273 6.66 -12.87 -17.43
C ILE A 273 8.14 -12.60 -17.65
N ARG A 274 8.87 -12.63 -16.56
CA ARG A 274 10.28 -12.42 -16.62
C ARG A 274 10.91 -13.55 -17.39
N ASP A 275 10.40 -14.76 -17.26
CA ASP A 275 10.98 -15.86 -18.01
C ASP A 275 10.37 -16.06 -19.38
N GLY A 276 11.24 -15.94 -20.37
CA GLY A 276 10.90 -15.98 -21.77
C GLY A 276 10.35 -17.09 -22.63
N LYS A 277 10.79 -18.30 -22.42
CA LYS A 277 10.40 -19.32 -23.37
C LYS A 277 9.01 -19.88 -23.26
N ALA A 278 8.03 -19.11 -23.65
CA ALA A 278 6.67 -19.56 -23.56
C ALA A 278 6.20 -20.07 -24.89
N PRO A 279 5.54 -21.22 -24.91
CA PRO A 279 5.00 -21.90 -26.07
C PRO A 279 3.98 -21.01 -26.71
N PRO A 280 3.87 -21.10 -28.01
CA PRO A 280 3.03 -20.20 -28.77
C PRO A 280 1.59 -20.18 -28.34
N PRO A 281 1.03 -21.31 -27.99
CA PRO A 281 -0.38 -21.20 -27.56
C PRO A 281 -0.52 -20.50 -26.22
N PHE A 282 0.48 -20.62 -25.34
CA PHE A 282 0.41 -20.15 -23.96
C PHE A 282 0.80 -18.69 -23.85
N LYS A 283 1.67 -18.20 -24.74
CA LYS A 283 2.19 -16.86 -24.44
C LYS A 283 1.12 -15.77 -24.49
N PRO A 284 0.15 -15.79 -25.42
CA PRO A 284 -0.94 -14.83 -25.29
C PRO A 284 -1.71 -14.97 -23.99
N ILE A 285 -1.90 -16.20 -23.50
CA ILE A 285 -2.57 -16.40 -22.22
C ILE A 285 -1.77 -15.76 -21.08
N LEU A 286 -0.47 -16.07 -21.04
CA LEU A 286 0.41 -15.57 -19.99
C LEU A 286 0.43 -14.04 -20.00
N HIS A 287 0.62 -13.47 -21.19
CA HIS A 287 0.73 -12.02 -21.29
C HIS A 287 -0.60 -11.33 -20.98
N ALA A 288 -1.73 -11.93 -21.36
CA ALA A 288 -3.01 -11.27 -21.08
C ALA A 288 -3.32 -11.27 -19.58
N GLU A 289 -3.06 -12.38 -18.87
CA GLU A 289 -3.42 -12.35 -17.46
C GLU A 289 -2.38 -11.63 -16.61
N ALA A 290 -1.15 -11.58 -17.09
CA ALA A 290 -0.13 -10.73 -16.48
C ALA A 290 -0.46 -9.25 -16.66
N TYR A 291 -0.96 -8.88 -17.84
CA TYR A 291 -1.44 -7.52 -18.01
C TYR A 291 -2.59 -7.22 -17.05
N LEU A 292 -3.59 -8.11 -17.01
CA LEU A 292 -4.76 -7.84 -16.18
C LEU A 292 -4.42 -7.77 -14.70
N HIS A 293 -3.34 -8.45 -14.29
CA HIS A 293 -2.95 -8.49 -12.88
C HIS A 293 -1.92 -7.45 -12.50
N LEU A 294 -1.09 -7.00 -13.43
CA LEU A 294 -0.05 -6.03 -13.11
C LEU A 294 -0.24 -4.64 -13.71
N ALA A 295 -1.04 -4.46 -14.77
CA ALA A 295 -1.09 -3.19 -15.49
C ALA A 295 -2.44 -2.49 -15.40
N ASN A 296 -3.51 -3.11 -15.87
CA ASN A 296 -4.86 -2.53 -15.85
C ASN A 296 -5.33 -1.93 -14.51
N PRO A 297 -5.12 -2.59 -13.37
CA PRO A 297 -5.57 -2.00 -12.11
C PRO A 297 -5.13 -0.57 -11.93
N TRP A 298 -3.89 -0.25 -12.31
CA TRP A 298 -3.34 1.08 -12.15
C TRP A 298 -4.13 2.13 -12.91
N ALA A 299 -4.56 1.81 -14.13
CA ALA A 299 -5.33 2.77 -14.89
C ALA A 299 -6.62 3.11 -14.18
N LEU A 300 -7.15 2.20 -13.36
CA LEU A 300 -8.38 2.69 -12.73
C LEU A 300 -8.21 3.90 -11.77
N PRO A 301 -7.48 3.78 -10.65
CA PRO A 301 -7.47 4.89 -9.68
C PRO A 301 -6.78 6.14 -10.20
N THR A 302 -5.93 6.03 -11.23
CA THR A 302 -5.37 7.20 -11.87
C THR A 302 -6.46 8.00 -12.57
N ALA A 303 -7.38 7.32 -13.24
CA ALA A 303 -8.55 8.00 -13.76
C ALA A 303 -9.38 8.64 -12.65
N ALA A 304 -9.53 7.92 -11.52
CA ALA A 304 -10.34 8.45 -10.43
C ALA A 304 -9.75 9.73 -9.86
N ALA A 305 -8.42 9.78 -9.73
CA ALA A 305 -7.75 10.97 -9.22
C ALA A 305 -7.77 12.10 -10.24
N ALA A 306 -7.58 11.77 -11.52
CA ALA A 306 -7.73 12.76 -12.56
C ALA A 306 -9.08 13.46 -12.44
N LEU A 307 -10.11 12.66 -12.25
CA LEU A 307 -11.45 13.16 -12.10
C LEU A 307 -11.69 13.98 -10.88
N ALA A 308 -11.20 13.53 -9.76
CA ALA A 308 -11.44 14.23 -8.52
C ALA A 308 -10.81 15.59 -8.52
N ALA A 309 -9.62 15.68 -9.07
CA ALA A 309 -8.94 16.94 -9.14
C ALA A 309 -9.72 17.88 -10.03
N ALA A 310 -10.19 17.38 -11.15
CA ALA A 310 -10.98 18.19 -12.04
C ALA A 310 -12.28 18.61 -11.41
N ALA A 311 -12.91 17.71 -10.70
CA ALA A 311 -14.16 18.04 -10.06
C ALA A 311 -13.98 19.11 -9.02
N ALA A 312 -12.91 19.00 -8.25
CA ALA A 312 -12.64 19.96 -7.21
C ALA A 312 -12.38 21.32 -7.80
N ALA A 313 -11.66 21.37 -8.90
CA ALA A 313 -11.42 22.64 -9.53
C ALA A 313 -12.52 22.97 -10.54
N GLY A 314 -13.72 23.23 -10.06
CA GLY A 314 -14.81 23.58 -10.95
C GLY A 314 -15.63 22.64 -11.83
N SER A 315 -15.00 21.84 -12.69
CA SER A 315 -15.77 21.03 -13.65
C SER A 315 -16.81 20.06 -13.06
N LEU A 316 -18.03 20.16 -13.55
CA LEU A 316 -19.11 19.34 -13.05
C LEU A 316 -19.38 18.11 -13.85
N PRO A 317 -18.87 18.05 -15.08
CA PRO A 317 -19.10 16.82 -15.81
C PRO A 317 -18.38 15.70 -15.10
N ALA A 318 -17.14 15.95 -14.72
CA ALA A 318 -16.37 14.94 -14.03
C ALA A 318 -17.05 14.61 -12.74
N ALA A 319 -17.48 15.62 -12.04
CA ALA A 319 -18.15 15.38 -10.78
C ALA A 319 -19.27 14.39 -11.03
N ALA A 320 -20.05 14.58 -12.09
CA ALA A 320 -21.05 13.61 -12.44
C ALA A 320 -20.36 12.29 -12.83
N LEU A 321 -19.29 12.33 -13.63
CA LEU A 321 -18.64 11.05 -13.88
C LEU A 321 -18.43 10.28 -12.58
N LEU A 322 -18.05 10.97 -11.50
CA LEU A 322 -17.79 10.21 -10.27
C LEU A 322 -19.06 9.87 -9.49
N ALA A 323 -20.10 10.70 -9.61
CA ALA A 323 -21.41 10.34 -9.11
C ALA A 323 -21.97 9.13 -9.85
N THR A 324 -21.79 9.09 -11.18
CA THR A 324 -22.12 7.87 -11.93
C THR A 324 -21.32 6.68 -11.41
N GLY A 325 -20.02 6.86 -11.14
CA GLY A 325 -19.23 5.74 -10.64
C GLY A 325 -19.77 5.19 -9.34
N ALA A 326 -20.13 6.09 -8.42
CA ALA A 326 -20.76 5.65 -7.18
C ALA A 326 -22.10 4.98 -7.46
N ALA A 327 -22.88 5.52 -8.40
CA ALA A 327 -24.18 4.92 -8.76
C ALA A 327 -24.01 3.52 -9.33
N LEU A 328 -22.91 3.27 -10.03
CA LEU A 328 -22.63 1.94 -10.54
C LEU A 328 -22.09 1.04 -9.45
N ALA A 329 -21.71 1.61 -8.31
CA ALA A 329 -21.31 0.77 -7.18
C ALA A 329 -22.50 0.02 -6.56
N LEU A 330 -23.73 0.51 -6.78
CA LEU A 330 -24.90 -0.14 -6.20
C LEU A 330 -25.12 -1.54 -6.76
N TYR A 331 -24.87 -1.75 -8.05
CA TYR A 331 -25.05 -3.08 -8.63
C TYR A 331 -23.76 -3.90 -8.60
N LYS A 332 -23.92 -5.22 -8.31
CA LYS A 332 -22.88 -6.06 -7.73
C LYS A 332 -21.73 -6.47 -8.61
N PRO A 333 -21.94 -6.59 -9.92
CA PRO A 333 -20.78 -6.93 -10.75
C PRO A 333 -19.77 -5.81 -10.82
N TYR A 334 -20.25 -4.57 -10.80
CA TYR A 334 -19.34 -3.43 -10.76
C TYR A 334 -18.53 -3.43 -9.46
N ARG A 335 -19.16 -3.74 -8.32
CA ARG A 335 -18.40 -3.57 -7.10
C ARG A 335 -17.48 -4.76 -6.82
N THR A 336 -17.85 -5.97 -7.27
CA THR A 336 -16.88 -7.06 -7.33
C THR A 336 -15.65 -6.67 -8.15
N TRP A 337 -15.88 -6.14 -9.36
CA TRP A 337 -14.73 -5.79 -10.21
C TRP A 337 -13.87 -4.70 -9.58
N THR A 338 -14.48 -3.57 -9.20
CA THR A 338 -13.73 -2.46 -8.61
C THR A 338 -12.93 -2.93 -7.40
N THR A 339 -13.56 -3.72 -6.51
CA THR A 339 -12.83 -4.03 -5.30
C THR A 339 -11.70 -5.00 -5.58
N MET A 340 -11.81 -5.89 -6.60
CA MET A 340 -10.67 -6.73 -6.95
C MET A 340 -9.52 -5.91 -7.56
N GLN A 341 -9.85 -4.90 -8.36
CA GLN A 341 -8.81 -3.97 -8.79
C GLN A 341 -8.17 -3.25 -7.61
N ALA A 342 -8.99 -2.89 -6.61
CA ALA A 342 -8.45 -2.29 -5.39
C ALA A 342 -7.48 -3.24 -4.69
N TYR A 343 -7.88 -4.52 -4.54
CA TYR A 343 -7.03 -5.54 -3.93
C TYR A 343 -5.72 -5.68 -4.70
N LEU A 344 -5.78 -5.60 -6.02
CA LEU A 344 -4.58 -5.76 -6.81
C LEU A 344 -3.63 -4.58 -6.60
N ILE A 345 -4.17 -3.36 -6.51
CA ILE A 345 -3.33 -2.20 -6.24
C ILE A 345 -2.73 -2.29 -4.82
N ALA A 346 -3.55 -2.66 -3.83
CA ALA A 346 -3.03 -2.86 -2.47
C ALA A 346 -1.92 -3.88 -2.45
N ALA A 347 -2.07 -4.96 -3.22
CA ALA A 347 -1.08 -6.03 -3.27
C ALA A 347 0.21 -5.55 -3.90
N ALA A 348 0.12 -4.77 -4.99
CA ALA A 348 1.33 -4.21 -5.61
C ALA A 348 2.11 -3.33 -4.63
N VAL A 349 1.42 -2.41 -3.93
CA VAL A 349 2.18 -1.55 -3.04
C VAL A 349 2.70 -2.35 -1.86
N LYS A 350 1.87 -3.24 -1.30
CA LYS A 350 2.30 -4.05 -0.18
C LYS A 350 3.48 -4.93 -0.58
N ASN A 351 3.52 -5.39 -1.82
CA ASN A 351 4.66 -6.15 -2.31
C ASN A 351 5.91 -5.29 -2.32
N LEU A 352 5.82 -4.08 -2.88
CA LEU A 352 7.00 -3.22 -2.98
C LEU A 352 7.57 -2.88 -1.61
N TRP A 353 6.72 -2.59 -0.64
CA TRP A 353 7.21 -2.16 0.66
C TRP A 353 7.35 -3.28 1.67
N ASP A 354 6.91 -4.50 1.35
CA ASP A 354 7.15 -5.58 2.31
C ASP A 354 8.59 -6.05 2.28
N LYS A 355 9.20 -6.13 1.08
CA LYS A 355 10.59 -6.56 1.06
C LYS A 355 11.54 -5.46 1.55
N GLU A 356 11.04 -4.22 1.73
CA GLU A 356 11.65 -3.03 2.39
C GLU A 356 11.57 -1.86 1.43
N LEU B 1 -1.25 2.05 -29.03
CA LEU B 1 -1.76 3.28 -28.40
C LEU B 1 -1.43 3.32 -26.93
N LEU B 2 -1.03 2.19 -26.34
CA LEU B 2 -0.63 2.27 -24.94
C LEU B 2 0.71 2.96 -24.79
N GLU B 3 1.56 2.94 -25.81
CA GLU B 3 2.72 3.82 -25.78
C GLU B 3 2.28 5.27 -25.77
N ALA B 4 1.20 5.57 -26.49
CA ALA B 4 0.67 6.92 -26.54
C ALA B 4 0.19 7.39 -25.16
N ILE B 5 -0.71 6.61 -24.54
CA ILE B 5 -1.19 6.98 -23.21
C ILE B 5 -0.02 6.99 -22.24
N ALA B 6 0.96 6.13 -22.48
CA ALA B 6 2.13 6.05 -21.61
C ALA B 6 2.90 7.36 -21.62
N ILE B 7 3.18 7.91 -22.80
CA ILE B 7 4.00 9.12 -22.74
C ILE B 7 3.15 10.38 -22.60
N ALA B 8 1.84 10.30 -22.79
CA ALA B 8 0.95 11.33 -22.29
C ALA B 8 1.00 11.40 -20.78
N LEU B 9 0.87 10.24 -20.10
CA LEU B 9 0.87 10.23 -18.63
C LEU B 9 2.22 10.64 -18.07
N THR B 10 3.33 10.24 -18.69
CA THR B 10 4.62 10.70 -18.20
C THR B 10 4.82 12.18 -18.45
N ALA B 11 4.34 12.67 -19.61
CA ALA B 11 4.42 14.09 -19.87
C ALA B 11 3.68 14.86 -18.79
N ALA B 12 2.47 14.43 -18.45
CA ALA B 12 1.72 15.07 -17.38
C ALA B 12 2.46 14.95 -16.06
N HIS B 13 2.97 13.74 -15.74
CA HIS B 13 3.56 13.52 -14.42
C HIS B 13 4.78 14.42 -14.20
N PHE B 14 5.64 14.56 -15.18
CA PHE B 14 6.78 15.42 -14.94
C PHE B 14 6.54 16.88 -15.36
N GLY B 15 5.49 17.17 -16.11
CA GLY B 15 5.19 18.50 -16.60
C GLY B 15 4.51 19.34 -15.54
N ALA B 16 3.57 18.75 -14.80
CA ALA B 16 2.92 19.51 -13.74
C ALA B 16 3.94 20.06 -12.74
N PRO B 17 4.78 19.25 -12.10
CA PRO B 17 5.71 19.82 -11.11
C PRO B 17 6.74 20.74 -11.73
N LEU B 18 7.11 20.60 -13.00
CA LEU B 18 8.17 21.47 -13.49
C LEU B 18 7.66 22.83 -13.96
N LEU B 19 6.45 22.87 -14.53
CA LEU B 19 5.79 24.15 -14.80
C LEU B 19 5.44 24.85 -13.50
N TYR B 20 4.99 24.08 -12.51
CA TYR B 20 4.74 24.67 -11.19
C TYR B 20 6.03 25.20 -10.58
N TYR B 21 7.13 24.49 -10.77
CA TYR B 21 8.40 24.95 -10.23
C TYR B 21 8.85 26.26 -10.89
N TRP B 22 8.59 26.42 -12.20
CA TRP B 22 8.90 27.69 -12.85
C TRP B 22 8.02 28.82 -12.30
N ARG B 23 6.71 28.56 -12.19
CA ARG B 23 5.80 29.50 -11.52
C ARG B 23 6.36 29.89 -10.15
N ALA B 24 6.85 28.90 -9.39
CA ALA B 24 7.35 29.17 -8.04
C ALA B 24 8.54 30.12 -8.08
N LYS B 25 9.48 29.91 -9.01
CA LYS B 25 10.64 30.80 -9.00
C LYS B 25 10.33 32.19 -9.55
N ARG B 26 9.30 32.30 -10.39
CA ARG B 26 8.75 33.62 -10.69
C ARG B 26 8.30 34.31 -9.40
N TRP B 27 7.49 33.62 -8.58
CA TRP B 27 7.06 34.17 -7.29
C TRP B 27 8.24 34.52 -6.39
N LEU B 28 9.35 33.83 -6.54
CA LEU B 28 10.45 33.92 -5.58
C LEU B 28 11.18 35.24 -5.66
N LYS B 29 11.13 35.93 -6.81
CA LYS B 29 11.93 37.14 -6.90
C LYS B 29 11.18 38.38 -6.38
N LYS B 30 9.86 38.31 -6.21
CA LYS B 30 8.88 39.32 -5.80
C LYS B 30 8.89 39.49 -4.28
N PRO B 31 8.89 40.73 -3.76
CA PRO B 31 9.26 40.96 -2.36
C PRO B 31 8.21 40.52 -1.36
N TRP B 32 8.66 40.24 -0.14
CA TRP B 32 7.73 39.96 0.92
C TRP B 32 6.86 41.18 1.12
N ASP B 33 5.57 41.04 1.04
CA ASP B 33 4.78 42.20 1.41
C ASP B 33 4.54 42.23 2.89
N VAL B 34 5.47 41.65 3.63
CA VAL B 34 5.46 41.62 5.08
C VAL B 34 6.84 42.03 5.57
N ALA B 35 6.90 42.59 6.77
CA ALA B 35 8.17 43.02 7.31
C ALA B 35 8.39 42.44 8.69
N PRO B 36 9.45 41.67 8.93
CA PRO B 36 9.77 41.30 10.30
C PRO B 36 10.24 42.53 11.05
N ASP B 37 9.85 42.63 12.30
CA ASP B 37 10.24 43.72 13.17
C ASP B 37 11.11 43.14 14.28
N PRO B 38 12.42 43.39 14.27
CA PRO B 38 13.29 42.73 15.26
C PRO B 38 13.11 43.22 16.68
N THR B 39 12.30 44.28 16.91
CA THR B 39 11.99 44.81 18.22
C THR B 39 10.67 44.30 18.76
N TYR B 40 9.96 43.52 17.97
CA TYR B 40 8.72 42.90 18.44
C TYR B 40 9.09 41.80 19.45
N ARG B 41 8.63 41.97 20.69
CA ARG B 41 8.96 41.08 21.81
C ARG B 41 7.70 40.72 22.60
N PRO B 42 6.82 39.91 22.03
CA PRO B 42 5.65 39.43 22.76
C PRO B 42 5.96 38.26 23.68
N ARG B 43 5.00 37.95 24.53
CA ARG B 43 5.14 36.78 25.39
C ARG B 43 4.85 35.52 24.57
N VAL B 44 5.74 34.54 24.73
CA VAL B 44 5.81 33.34 23.89
C VAL B 44 5.68 32.12 24.79
N THR B 45 4.76 31.20 24.41
CA THR B 45 4.61 29.88 25.04
C THR B 45 5.12 28.82 24.07
N VAL B 46 6.17 28.09 24.48
CA VAL B 46 6.67 26.94 23.72
C VAL B 46 6.04 25.68 24.29
N ILE B 47 5.41 24.89 23.43
CA ILE B 47 4.66 23.69 23.80
C ILE B 47 5.40 22.47 23.31
N VAL B 48 5.82 21.62 24.23
CA VAL B 48 6.49 20.38 23.86
C VAL B 48 5.58 19.21 24.26
N PRO B 49 5.00 18.52 23.30
CA PRO B 49 4.22 17.32 23.61
C PRO B 49 5.13 16.10 23.72
N THR B 50 4.88 15.26 24.75
CA THR B 50 5.75 14.14 25.06
C THR B 50 4.97 12.86 25.38
N TYR B 51 5.41 11.74 24.79
CA TYR B 51 5.07 10.40 25.28
C TYR B 51 6.34 9.55 25.20
N ASN B 52 6.85 9.15 26.37
CA ASN B 52 8.02 8.27 26.51
C ASN B 52 9.18 8.75 25.65
N GLU B 53 9.76 9.90 26.04
CA GLU B 53 10.98 10.44 25.40
C GLU B 53 11.86 11.10 26.47
N ALA B 54 12.23 10.37 27.52
CA ALA B 54 13.02 10.93 28.61
C ALA B 54 14.43 11.45 28.23
N PRO B 55 15.28 10.70 27.50
CA PRO B 55 16.55 11.29 27.00
C PRO B 55 16.32 12.62 26.27
N LEU B 56 15.40 12.54 25.31
CA LEU B 56 15.16 13.65 24.42
C LEU B 56 14.68 14.86 25.21
N ILE B 57 13.85 14.66 26.23
CA ILE B 57 13.20 15.79 26.90
C ILE B 57 14.21 16.59 27.71
N GLU B 58 15.11 15.91 28.41
CA GLU B 58 16.13 16.70 29.12
C GLU B 58 16.88 17.60 28.14
N GLU B 59 17.37 17.02 27.04
CA GLU B 59 18.22 17.89 26.21
C GLU B 59 17.41 18.91 25.40
N LYS B 60 16.14 18.60 25.09
CA LYS B 60 15.25 19.55 24.42
C LYS B 60 14.97 20.76 25.30
N LEU B 61 14.66 20.53 26.57
CA LEU B 61 14.47 21.67 27.46
C LEU B 61 15.73 22.51 27.52
N ASP B 62 16.91 21.86 27.49
CA ASP B 62 18.13 22.67 27.44
C ASP B 62 18.21 23.48 26.15
N ASN B 63 17.79 22.91 25.01
CA ASN B 63 17.87 23.62 23.73
C ASN B 63 16.91 24.83 23.72
N ILE B 64 15.77 24.72 24.37
CA ILE B 64 14.92 25.89 24.49
C ILE B 64 15.57 26.91 25.43
N TYR B 65 16.13 26.41 26.54
CA TYR B 65 16.72 27.27 27.56
C TYR B 65 17.78 28.18 26.97
N GLU B 66 18.59 27.67 26.06
CA GLU B 66 19.67 28.49 25.52
C GLU B 66 19.21 29.46 24.45
N GLN B 67 17.91 29.64 24.23
CA GLN B 67 17.50 30.64 23.25
C GLN B 67 17.71 32.08 23.80
N ASP B 68 18.19 32.96 22.93
CA ASP B 68 18.48 34.35 23.27
C ASP B 68 17.22 35.17 23.59
N TYR B 69 16.05 34.67 23.23
CA TYR B 69 14.82 35.40 23.43
C TYR B 69 14.69 35.75 24.92
N PRO B 70 14.20 36.95 25.26
CA PRO B 70 14.17 37.37 26.67
C PRO B 70 13.29 36.48 27.53
N ARG B 71 13.87 35.98 28.64
CA ARG B 71 13.26 34.91 29.43
C ARG B 71 12.05 35.35 30.23
N ASP B 72 11.89 36.65 30.50
CA ASP B 72 10.68 37.13 31.16
C ASP B 72 9.49 37.11 30.21
N LYS B 73 9.75 36.96 28.92
CA LYS B 73 8.70 36.82 27.93
C LYS B 73 8.61 35.42 27.33
N LEU B 74 9.13 34.41 28.01
CA LEU B 74 9.17 33.04 27.53
C LEU B 74 8.60 32.10 28.59
N GLU B 75 7.73 31.20 28.19
CA GLU B 75 7.26 30.16 29.09
C GLU B 75 7.14 28.86 28.31
N VAL B 76 7.24 27.74 29.01
CA VAL B 76 7.27 26.41 28.39
C VAL B 76 6.20 25.55 29.03
N VAL B 77 5.42 24.87 28.20
CA VAL B 77 4.44 23.91 28.67
C VAL B 77 4.83 22.57 28.07
N VAL B 78 5.17 21.60 28.93
CA VAL B 78 5.42 20.22 28.50
C VAL B 78 4.18 19.37 28.80
N VAL B 79 3.52 18.87 27.77
CA VAL B 79 2.29 18.10 27.96
C VAL B 79 2.57 16.62 27.74
N ASP B 80 2.34 15.80 28.77
CA ASP B 80 2.69 14.39 28.75
C ASP B 80 1.45 13.53 28.83
N SER B 81 1.29 12.64 27.85
CA SER B 81 0.11 11.79 27.75
C SER B 81 0.32 10.45 28.47
N ALA B 82 0.50 10.51 29.79
CA ALA B 82 0.57 9.31 30.62
C ALA B 82 1.58 8.31 30.04
N SER B 83 2.85 8.66 30.18
CA SER B 83 3.91 7.86 29.60
C SER B 83 4.50 6.90 30.64
N THR B 84 4.73 5.64 30.22
CA THR B 84 5.31 4.61 31.10
C THR B 84 6.71 5.00 31.58
N ASP B 85 7.51 5.56 30.69
CA ASP B 85 8.85 6.03 31.01
C ASP B 85 8.77 7.08 32.14
N GLY B 86 9.94 7.56 32.51
CA GLY B 86 10.05 8.54 33.57
C GLY B 86 10.17 9.96 33.07
N THR B 87 9.58 10.23 31.92
CA THR B 87 9.70 11.53 31.33
C THR B 87 9.18 12.63 32.21
N PRO B 88 8.05 12.42 32.87
CA PRO B 88 7.56 13.48 33.74
C PRO B 88 8.52 13.77 34.86
N SER B 89 9.10 12.75 35.45
CA SER B 89 10.04 12.99 36.53
C SER B 89 11.28 13.72 36.04
N ALA B 90 11.74 13.36 34.85
CA ALA B 90 12.91 13.99 34.24
C ALA B 90 12.67 15.46 33.98
N VAL B 91 11.46 15.80 33.58
CA VAL B 91 11.07 17.18 33.37
C VAL B 91 11.14 17.92 34.67
N ARG B 92 10.67 17.29 35.74
CA ARG B 92 10.72 17.90 37.04
C ARG B 92 12.15 18.14 37.46
N ARG B 93 13.02 17.18 37.19
CA ARG B 93 14.41 17.34 37.54
C ARG B 93 15.00 18.51 36.81
N TRP B 94 14.69 18.64 35.54
CA TRP B 94 15.17 19.77 34.81
C TRP B 94 14.57 21.06 35.32
N ALA B 95 13.29 21.05 35.63
CA ALA B 95 12.62 22.31 35.99
C ALA B 95 13.13 22.84 37.33
N GLU B 96 13.42 21.98 38.29
CA GLU B 96 13.96 22.55 39.53
C GLU B 96 15.46 22.71 39.45
N THR B 97 16.09 22.39 38.31
CA THR B 97 17.45 22.86 38.17
C THR B 97 17.56 24.13 37.36
N HIS B 98 16.56 24.45 36.54
CA HIS B 98 16.53 25.72 35.80
C HIS B 98 15.31 26.51 36.22
N PRO B 99 15.39 27.18 37.35
CA PRO B 99 14.18 27.81 37.91
C PRO B 99 13.78 29.12 37.23
N ASP B 100 14.73 29.87 36.66
CA ASP B 100 14.44 31.15 36.02
C ASP B 100 13.54 31.04 34.78
N LEU B 101 13.40 29.85 34.19
CA LEU B 101 12.58 29.68 33.00
C LEU B 101 11.22 29.12 33.37
N ALA B 102 10.17 29.91 33.16
CA ALA B 102 8.83 29.50 33.55
C ALA B 102 8.37 28.27 32.77
N LEU B 103 8.09 27.20 33.51
CA LEU B 103 7.65 25.95 32.91
C LEU B 103 6.45 25.43 33.68
N THR B 104 5.53 24.84 32.94
CA THR B 104 4.39 24.11 33.47
C THR B 104 4.43 22.74 32.85
N LEU B 105 4.44 21.72 33.69
CA LEU B 105 4.28 20.34 33.24
C LEU B 105 2.82 19.96 33.38
N VAL B 106 2.19 19.61 32.26
CA VAL B 106 0.82 19.11 32.23
C VAL B 106 0.85 17.64 31.82
N GLU B 107 0.11 16.81 32.56
CA GLU B 107 0.05 15.37 32.32
C GLU B 107 -1.38 14.89 32.25
N GLU B 108 -1.60 13.86 31.44
CA GLU B 108 -2.91 13.40 31.04
C GLU B 108 -3.20 12.06 31.70
N THR B 109 -4.47 11.84 32.07
CA THR B 109 -4.96 10.52 32.44
C THR B 109 -4.50 9.40 31.50
N GLU B 110 -4.60 9.62 30.19
CA GLU B 110 -4.58 8.59 29.15
C GLU B 110 -3.83 9.17 27.97
N ARG B 111 -3.18 8.30 27.19
CA ARG B 111 -2.74 8.71 25.85
C ARG B 111 -3.94 8.80 24.90
N ARG B 112 -4.16 9.98 24.29
CA ARG B 112 -5.26 10.17 23.33
C ARG B 112 -4.81 10.96 22.10
N GLY B 113 -3.60 10.71 21.61
CA GLY B 113 -3.20 11.36 20.39
C GLY B 113 -2.60 12.73 20.65
N LYS B 114 -1.88 13.23 19.63
CA LYS B 114 -1.08 14.45 19.75
C LYS B 114 -1.95 15.67 19.96
N ALA B 115 -2.95 15.86 19.08
CA ALA B 115 -3.77 17.06 19.13
C ALA B 115 -4.48 17.22 20.46
N HIS B 116 -4.90 16.11 21.05
CA HIS B 116 -5.55 16.14 22.35
C HIS B 116 -4.63 16.78 23.40
N ALA B 117 -3.39 16.31 23.45
CA ALA B 117 -2.41 16.88 24.36
C ALA B 117 -2.20 18.37 24.07
N LEU B 118 -2.14 18.74 22.78
CA LEU B 118 -1.97 20.12 22.38
C LEU B 118 -3.11 21.02 22.88
N ASN B 119 -4.35 20.55 22.80
CA ASN B 119 -5.47 21.35 23.30
C ASN B 119 -5.37 21.53 24.82
N THR B 120 -5.00 20.47 25.53
CA THR B 120 -4.82 20.59 26.98
C THR B 120 -3.69 21.57 27.30
N ALA B 121 -2.61 21.52 26.52
CA ALA B 121 -1.50 22.43 26.74
C ALA B 121 -1.91 23.87 26.43
N LEU B 122 -2.74 24.05 25.40
CA LEU B 122 -3.25 25.35 24.99
C LEU B 122 -3.97 26.02 26.11
N ARG B 123 -4.70 25.23 26.90
CA ARG B 123 -5.47 25.94 27.93
C ARG B 123 -4.61 26.41 29.09
N HIS B 124 -3.30 26.12 29.11
CA HIS B 124 -2.37 26.72 30.06
C HIS B 124 -1.50 27.82 29.44
N ALA B 125 -1.63 28.09 28.15
CA ALA B 125 -0.67 28.96 27.50
C ALA B 125 -1.13 30.41 27.59
N THR B 126 -0.22 31.29 28.02
CA THR B 126 -0.51 32.71 28.27
C THR B 126 0.11 33.59 27.18
N GLY B 127 0.83 32.97 26.30
CA GLY B 127 1.57 33.68 25.33
C GLY B 127 0.71 34.17 24.20
N GLU B 128 1.34 35.15 23.58
CA GLU B 128 0.77 35.97 22.56
C GLU B 128 1.02 35.28 21.23
N ILE B 129 2.11 34.51 21.24
CA ILE B 129 2.54 33.55 20.23
C ILE B 129 2.67 32.20 20.95
N VAL B 130 2.14 31.15 20.31
CA VAL B 130 2.28 29.76 20.74
C VAL B 130 3.18 29.04 19.74
N VAL B 131 4.28 28.46 20.21
CA VAL B 131 5.23 27.74 19.36
C VAL B 131 5.09 26.25 19.69
N ILE B 132 4.63 25.44 18.75
CA ILE B 132 4.60 23.99 18.92
C ILE B 132 5.92 23.39 18.40
N THR B 133 6.51 22.48 19.20
CA THR B 133 7.75 21.85 18.74
C THR B 133 7.87 20.39 19.20
N ASP B 134 8.47 19.56 18.34
CA ASP B 134 8.63 18.13 18.63
C ASP B 134 9.82 17.90 19.56
N ALA B 135 9.65 16.97 20.50
CA ALA B 135 10.63 16.79 21.56
C ALA B 135 11.98 16.33 21.03
N ASP B 136 11.99 15.65 19.89
CA ASP B 136 13.22 15.17 19.29
C ASP B 136 13.84 16.18 18.33
N ALA B 137 13.27 17.38 18.23
CA ALA B 137 13.76 18.41 17.33
C ALA B 137 14.65 19.38 18.09
N LEU B 138 15.76 19.76 17.48
CA LEU B 138 16.67 20.73 18.09
C LEU B 138 16.78 21.96 17.19
N TRP B 139 16.78 23.16 17.81
CA TRP B 139 16.97 24.38 17.02
C TRP B 139 18.46 24.71 16.95
N PRO B 140 19.01 24.90 15.75
CA PRO B 140 20.48 25.01 15.61
C PRO B 140 21.11 26.26 16.22
N ALA B 141 20.42 27.39 16.22
CA ALA B 141 21.02 28.60 16.72
C ALA B 141 20.28 29.05 17.96
N ARG B 142 20.94 29.85 18.76
CA ARG B 142 20.22 30.32 19.92
C ARG B 142 19.32 31.54 19.62
N ASP B 143 19.25 31.97 18.34
CA ASP B 143 18.33 33.01 17.85
C ASP B 143 17.28 32.48 16.87
N THR B 144 17.05 31.16 16.81
CA THR B 144 16.01 30.61 15.92
C THR B 144 14.63 31.11 16.32
N LEU B 145 14.28 30.95 17.58
CA LEU B 145 12.97 31.36 18.07
C LEU B 145 12.71 32.83 17.80
N ALA B 146 13.72 33.68 18.05
CA ALA B 146 13.59 35.11 17.80
C ALA B 146 13.36 35.42 16.32
N ASN B 147 14.01 34.67 15.42
CA ASN B 147 13.79 34.87 13.98
C ASN B 147 12.33 34.59 13.58
N ALA B 148 11.80 33.46 14.06
CA ALA B 148 10.38 33.19 13.80
C ALA B 148 9.48 34.28 14.39
N VAL B 149 9.73 34.65 15.64
CA VAL B 149 8.84 35.59 16.31
C VAL B 149 8.84 36.93 15.58
N LYS B 150 10.03 37.41 15.19
CA LYS B 150 10.10 38.72 14.54
C LYS B 150 9.23 38.74 13.29
N TRP B 151 9.17 37.59 12.57
CA TRP B 151 8.25 37.56 11.42
C TRP B 151 6.79 37.60 11.86
N LEU B 152 6.50 37.27 13.10
CA LEU B 152 5.07 37.33 13.45
C LEU B 152 4.55 38.75 13.75
N ALA B 153 5.41 39.78 13.72
CA ALA B 153 4.99 41.14 14.11
C ALA B 153 3.89 41.69 13.20
N ASP B 154 3.98 41.41 11.93
CA ASP B 154 3.02 42.01 11.04
C ASP B 154 1.62 41.51 11.35
N PRO B 155 0.63 42.39 11.45
CA PRO B 155 -0.74 41.95 11.73
C PRO B 155 -1.30 41.01 10.68
N THR B 156 -0.68 40.88 9.52
CA THR B 156 -1.24 39.98 8.50
C THR B 156 -0.71 38.56 8.58
N VAL B 157 0.34 38.32 9.35
CA VAL B 157 0.95 37.01 9.46
C VAL B 157 0.31 36.30 10.64
N GLY B 158 -0.35 35.17 10.38
CA GLY B 158 -0.97 34.39 11.44
C GLY B 158 -0.11 33.25 11.94
N ALA B 159 0.91 32.88 11.17
CA ALA B 159 1.63 31.66 11.48
C ALA B 159 2.96 31.67 10.78
N VAL B 160 3.98 31.09 11.43
CA VAL B 160 5.34 31.00 10.91
C VAL B 160 5.93 29.60 11.20
N SER B 161 6.64 29.03 10.23
CA SER B 161 7.35 27.79 10.49
C SER B 161 8.73 27.79 9.81
N CYS B 162 9.50 26.74 10.00
CA CYS B 162 10.88 26.79 9.51
C CYS B 162 11.06 26.14 8.15
N VAL B 163 12.16 26.45 7.55
CA VAL B 163 12.78 25.68 6.48
C VAL B 163 13.81 24.70 7.03
N LYS B 164 13.91 23.52 6.42
CA LYS B 164 14.71 22.45 6.99
C LYS B 164 16.08 22.33 6.32
N ARG B 165 17.04 21.84 7.08
CA ARG B 165 18.38 21.46 6.62
C ARG B 165 18.61 20.01 6.98
N PRO B 166 19.52 19.32 6.24
CA PRO B 166 19.95 17.96 6.57
C PRO B 166 21.17 17.96 7.51
N ARG B 177 16.76 17.40 -3.18
CA ARG B 177 15.45 17.92 -3.61
C ARG B 177 15.09 19.27 -2.95
N ASP B 178 15.97 20.22 -3.26
CA ASP B 178 15.94 21.63 -2.81
C ASP B 178 14.76 22.34 -3.38
N PHE B 179 14.11 21.67 -4.32
CA PHE B 179 12.92 22.05 -4.98
C PHE B 179 11.82 22.18 -3.93
N TYR B 180 11.77 21.28 -2.95
CA TYR B 180 10.84 21.35 -1.87
C TYR B 180 11.05 22.62 -1.09
N ASN B 181 12.28 22.95 -0.78
CA ASN B 181 12.55 24.17 -0.04
C ASN B 181 12.19 25.38 -0.83
N VAL B 182 12.42 25.36 -2.12
CA VAL B 182 12.06 26.48 -2.96
C VAL B 182 10.58 26.69 -2.98
N LEU B 183 9.83 25.61 -3.03
CA LEU B 183 8.40 25.67 -3.07
C LEU B 183 7.85 26.31 -1.83
N ARG B 184 8.39 25.97 -0.69
CA ARG B 184 7.90 26.52 0.52
C ARG B 184 8.09 28.02 0.65
N VAL B 185 9.30 28.52 0.40
CA VAL B 185 9.45 29.94 0.50
C VAL B 185 8.73 30.65 -0.60
N ALA B 186 8.82 30.13 -1.79
CA ALA B 186 8.16 30.82 -2.89
C ALA B 186 6.67 30.98 -2.60
N GLU B 187 6.02 29.90 -2.16
CA GLU B 187 4.60 30.00 -1.81
C GLU B 187 4.38 30.95 -0.66
N SER B 188 5.32 30.98 0.30
CA SER B 188 5.18 31.90 1.40
C SER B 188 5.23 33.35 0.93
N LYS B 189 6.17 33.65 0.02
CA LYS B 189 6.26 34.98 -0.56
C LYS B 189 5.00 35.32 -1.33
N ALA B 190 4.50 34.38 -2.12
CA ALA B 190 3.29 34.62 -2.90
C ALA B 190 2.09 34.92 -2.00
N TRP B 191 1.94 34.17 -0.91
CA TRP B 191 0.91 34.35 0.11
C TRP B 191 1.15 33.48 1.34
N ALA B 192 0.84 32.18 1.23
CA ALA B 192 1.05 31.26 2.33
C ALA B 192 1.47 29.90 1.76
N THR B 193 2.08 29.14 2.60
CA THR B 193 2.40 27.78 2.24
C THR B 193 1.53 26.80 3.03
N PRO B 194 0.96 25.79 2.38
CA PRO B 194 0.04 24.87 3.07
C PRO B 194 0.72 23.74 3.83
N ILE B 195 2.05 23.70 3.86
CA ILE B 195 2.81 22.69 4.58
C ILE B 195 3.70 23.41 5.60
N PHE B 196 3.50 23.10 6.88
CA PHE B 196 4.34 23.56 7.99
C PHE B 196 5.14 22.38 8.55
N HIS B 197 6.11 22.65 9.41
CA HIS B 197 7.03 21.65 9.94
C HIS B 197 6.99 21.62 11.47
N GLY B 198 6.91 20.39 12.04
CA GLY B 198 6.69 20.23 13.47
C GLY B 198 7.86 20.60 14.35
N GLU B 199 9.04 20.76 13.78
CA GLU B 199 10.21 21.18 14.55
C GLU B 199 10.01 22.56 15.16
N LEU B 200 9.26 23.44 14.48
CA LEU B 200 8.91 24.78 14.96
C LEU B 200 7.70 25.28 14.18
N ALA B 201 6.54 25.36 14.84
CA ALA B 201 5.32 25.87 14.23
C ALA B 201 4.72 26.95 15.13
N ALA B 202 4.79 28.21 14.72
CA ALA B 202 4.43 29.37 15.56
C ALA B 202 3.10 29.95 15.09
N PHE B 203 2.18 30.12 16.02
CA PHE B 203 0.86 30.63 15.68
C PHE B 203 0.52 31.76 16.62
N LYS B 204 -0.29 32.69 16.12
CA LYS B 204 -0.89 33.67 17.00
C LYS B 204 -1.97 32.98 17.81
N ARG B 205 -1.92 33.15 19.11
CA ARG B 205 -2.80 32.35 19.94
C ARG B 205 -4.26 32.76 19.76
N GLU B 206 -4.53 34.06 19.56
CA GLU B 206 -5.85 34.56 19.19
C GLU B 206 -6.48 33.72 18.09
N LEU B 207 -5.71 33.48 17.01
CA LEU B 207 -6.25 32.72 15.89
C LEU B 207 -6.41 31.25 16.26
N LEU B 208 -5.46 30.67 17.02
CA LEU B 208 -5.61 29.30 17.51
C LEU B 208 -6.91 29.11 18.28
N GLU B 209 -7.25 30.05 19.14
CA GLU B 209 -8.44 29.82 19.91
C GLU B 209 -9.69 30.28 19.20
N ARG B 210 -9.56 30.99 18.08
CA ARG B 210 -10.77 31.17 17.30
C ARG B 210 -11.14 29.96 16.45
N LEU B 211 -10.20 29.02 16.22
CA LEU B 211 -10.33 27.94 15.22
C LEU B 211 -10.97 26.60 15.65
N GLY B 212 -11.09 26.23 16.93
CA GLY B 212 -10.42 26.75 18.09
C GLY B 212 -9.67 25.57 18.70
N GLY B 213 -8.36 25.65 18.71
CA GLY B 213 -7.57 24.55 19.12
C GLY B 213 -7.26 23.71 17.92
N PHE B 214 -6.60 22.57 18.17
CA PHE B 214 -6.20 21.64 17.14
C PHE B 214 -7.22 20.53 17.07
N PRO B 215 -7.52 20.06 15.86
CA PRO B 215 -8.56 19.04 15.67
C PRO B 215 -8.06 17.60 15.84
N THR B 216 -9.00 16.73 16.22
CA THR B 216 -8.72 15.30 16.38
C THR B 216 -8.49 14.60 15.04
N ASP B 217 -9.32 14.91 14.03
CA ASP B 217 -9.41 14.11 12.80
C ASP B 217 -8.13 14.00 12.01
N VAL B 218 -7.28 15.00 12.09
CA VAL B 218 -6.25 15.21 11.09
C VAL B 218 -4.89 14.80 11.67
N GLY B 219 -4.06 14.22 10.83
CA GLY B 219 -2.76 13.76 11.28
C GLY B 219 -1.74 14.87 11.34
N ALA B 220 -1.65 15.63 10.25
CA ALA B 220 -0.66 16.72 10.16
C ALA B 220 -1.30 17.95 10.77
N ASP B 221 -1.28 17.98 12.11
CA ASP B 221 -1.84 19.07 12.91
C ASP B 221 -1.30 20.44 12.48
N ASP B 222 0.04 20.51 12.35
CA ASP B 222 0.78 21.71 12.00
C ASP B 222 0.26 22.37 10.71
N SER B 223 0.26 21.60 9.62
CA SER B 223 -0.07 22.15 8.31
C SER B 223 -1.55 22.39 8.18
N HIS B 224 -2.36 21.62 8.90
CA HIS B 224 -3.78 21.83 8.91
C HIS B 224 -4.15 23.17 9.55
N THR B 225 -3.54 23.53 10.69
CA THR B 225 -3.91 24.81 11.28
C THR B 225 -3.26 25.98 10.55
N ALA B 226 -2.05 25.79 9.99
CA ALA B 226 -1.53 26.83 9.11
C ALA B 226 -2.48 27.11 7.93
N THR B 227 -3.07 26.06 7.37
CA THR B 227 -3.99 26.20 6.22
C THR B 227 -5.32 26.82 6.66
N LYS B 228 -5.78 26.49 7.85
CA LYS B 228 -7.03 27.09 8.29
C LYS B 228 -6.85 28.58 8.57
N ILE B 229 -5.66 28.95 9.05
CA ILE B 229 -5.26 30.35 9.19
C ILE B 229 -5.13 31.00 7.82
N ALA B 230 -4.66 30.24 6.82
CA ALA B 230 -4.61 30.81 5.48
C ALA B 230 -6.00 31.06 4.90
N MET B 231 -6.98 30.22 5.23
CA MET B 231 -8.35 30.45 4.76
C MET B 231 -8.96 31.67 5.40
N MET B 232 -8.50 32.01 6.57
CA MET B 232 -8.97 33.19 7.25
C MET B 232 -8.38 34.46 6.66
N GLY B 233 -7.50 34.33 5.67
CA GLY B 233 -6.95 35.49 5.03
C GLY B 233 -5.68 36.02 5.64
N TYR B 234 -5.08 35.28 6.56
CA TYR B 234 -3.79 35.64 7.11
C TYR B 234 -2.74 34.87 6.34
N ARG B 235 -1.49 35.29 6.51
CA ARG B 235 -0.36 34.65 5.87
C ARG B 235 0.29 33.59 6.76
N ALA B 236 0.66 32.46 6.16
CA ALA B 236 1.37 31.38 6.85
C ALA B 236 2.66 31.08 6.10
N ILE B 237 3.80 31.36 6.71
CA ILE B 237 5.03 31.51 5.96
C ILE B 237 6.16 30.75 6.63
N THR B 238 7.13 30.36 5.80
CA THR B 238 8.36 29.69 6.23
C THR B 238 9.52 30.50 5.69
N PRO B 239 10.01 31.48 6.45
CA PRO B 239 11.10 32.34 5.95
C PRO B 239 12.44 31.62 5.93
N PRO B 240 13.27 31.90 4.92
CA PRO B 240 14.60 31.24 4.83
C PRO B 240 15.49 31.40 6.05
N ASP B 241 15.23 32.33 6.96
CA ASP B 241 16.14 32.48 8.10
C ASP B 241 15.66 31.75 9.35
N VAL B 242 14.51 31.10 9.28
CA VAL B 242 14.02 30.22 10.34
C VAL B 242 14.38 28.80 9.90
N VAL B 243 15.48 28.29 10.41
CA VAL B 243 16.04 27.04 9.94
C VAL B 243 16.00 26.03 11.07
N CYS B 244 15.48 24.85 10.79
CA CYS B 244 15.59 23.72 11.71
C CYS B 244 16.37 22.65 11.01
N VAL B 245 16.78 21.65 11.77
CA VAL B 245 17.27 20.42 11.16
C VAL B 245 16.31 19.32 11.57
N GLU B 246 15.91 18.51 10.59
CA GLU B 246 14.99 17.41 10.81
C GLU B 246 15.71 16.25 11.47
N ALA B 247 15.08 15.65 12.48
CA ALA B 247 15.61 14.45 13.13
C ALA B 247 15.10 13.22 12.36
N VAL B 248 15.98 12.60 11.61
CA VAL B 248 15.66 11.40 10.90
C VAL B 248 15.73 10.32 11.95
N PRO B 249 14.74 9.42 11.96
CA PRO B 249 14.56 8.29 12.84
C PRO B 249 15.55 7.18 12.73
N LYS B 250 15.98 6.85 11.50
CA LYS B 250 16.88 5.73 11.15
C LYS B 250 16.23 4.33 11.22
N ARG B 251 15.67 3.95 12.36
CA ARG B 251 15.00 2.67 12.45
C ARG B 251 13.55 2.92 12.06
N GLY B 252 13.06 2.20 11.05
CA GLY B 252 11.72 2.44 10.56
C GLY B 252 11.61 3.71 9.75
N TYR B 253 12.60 3.92 8.94
CA TYR B 253 12.71 5.13 8.12
C TYR B 253 11.61 5.22 7.08
N HIS B 254 11.40 4.14 6.32
CA HIS B 254 10.38 4.13 5.28
C HIS B 254 8.98 4.14 5.88
N ALA B 255 8.76 3.39 6.98
CA ALA B 255 7.46 3.43 7.64
C ALA B 255 7.14 4.85 8.10
N TRP B 256 8.14 5.55 8.66
CA TRP B 256 8.02 6.93 9.14
C TRP B 256 7.70 7.90 7.99
N ARG B 257 8.42 7.77 6.86
CA ARG B 257 8.14 8.63 5.72
C ARG B 257 6.75 8.39 5.17
N ILE B 258 6.30 7.14 5.19
CA ILE B 258 4.97 6.80 4.70
C ILE B 258 3.89 7.33 5.65
N ARG B 259 4.13 7.34 6.96
CA ARG B 259 3.09 7.88 7.84
C ARG B 259 3.02 9.40 7.79
N ARG B 260 4.15 10.05 7.52
CA ARG B 260 4.06 11.49 7.29
C ARG B 260 3.38 11.82 5.96
N ALA B 261 3.61 10.99 4.94
CA ALA B 261 2.84 11.14 3.71
C ALA B 261 1.36 10.87 3.93
N GLN B 262 1.03 9.93 4.82
CA GLN B 262 -0.38 9.67 5.11
C GLN B 262 -1.06 10.92 5.68
N HIS B 263 -0.40 11.55 6.67
CA HIS B 263 -0.87 12.81 7.25
C HIS B 263 -1.05 13.89 6.20
N LEU B 264 -0.07 14.03 5.30
CA LEU B 264 -0.15 15.01 4.23
C LEU B 264 -1.29 14.74 3.26
N VAL B 265 -1.55 13.47 2.89
CA VAL B 265 -2.63 13.31 1.93
C VAL B 265 -4.00 13.41 2.63
N GLN B 266 -4.15 12.99 3.89
CA GLN B 266 -5.45 13.32 4.49
C GLN B 266 -5.61 14.82 4.65
N HIS B 267 -4.53 15.55 4.94
CA HIS B 267 -4.62 17.01 5.04
C HIS B 267 -5.14 17.62 3.75
N PHE B 268 -4.49 17.30 2.63
CA PHE B 268 -4.92 17.90 1.37
C PHE B 268 -6.32 17.45 0.93
N ALA B 269 -6.70 16.20 1.17
CA ALA B 269 -8.07 15.78 0.85
C ALA B 269 -9.10 16.55 1.69
N LYS B 270 -8.85 16.71 3.00
CA LYS B 270 -9.80 17.47 3.81
C LYS B 270 -9.79 18.95 3.44
N ALA B 271 -8.64 19.48 3.06
CA ALA B 271 -8.57 20.91 2.81
C ALA B 271 -9.29 21.32 1.53
N ILE B 272 -9.26 20.49 0.46
CA ILE B 272 -9.92 20.94 -0.79
C ILE B 272 -11.46 20.95 -0.78
N ARG B 273 -12.12 20.15 0.05
CA ARG B 273 -13.56 20.22 0.30
C ARG B 273 -13.88 21.25 1.38
N ASP B 274 -12.88 21.97 1.88
CA ASP B 274 -13.27 23.07 2.72
C ASP B 274 -13.64 24.22 1.79
N GLY B 275 -13.91 25.39 2.34
CA GLY B 275 -14.52 26.45 1.57
C GLY B 275 -13.64 27.09 0.51
N LYS B 276 -14.20 28.17 -0.03
CA LYS B 276 -13.48 29.00 -0.98
C LYS B 276 -12.23 29.57 -0.33
N ALA B 277 -11.13 29.47 -1.01
CA ALA B 277 -9.89 29.99 -0.49
C ALA B 277 -9.68 31.41 -0.98
N PRO B 278 -8.95 32.24 -0.25
CA PRO B 278 -8.58 33.57 -0.76
C PRO B 278 -7.88 33.46 -2.10
N PRO B 279 -8.09 34.39 -3.02
CA PRO B 279 -7.53 34.25 -4.37
C PRO B 279 -6.02 34.09 -4.38
N PRO B 280 -5.26 34.75 -3.50
CA PRO B 280 -3.80 34.54 -3.56
C PRO B 280 -3.38 33.13 -3.23
N PHE B 281 -4.12 32.47 -2.33
CA PHE B 281 -3.82 31.13 -1.82
C PHE B 281 -4.39 30.00 -2.69
N LYS B 282 -5.50 30.22 -3.38
CA LYS B 282 -6.23 29.11 -3.97
C LYS B 282 -5.45 28.40 -5.07
N PRO B 283 -4.71 29.11 -5.95
CA PRO B 283 -3.81 28.36 -6.85
C PRO B 283 -2.76 27.56 -6.12
N ILE B 284 -2.19 28.08 -5.02
CA ILE B 284 -1.20 27.33 -4.25
C ILE B 284 -1.81 26.06 -3.66
N LEU B 285 -2.97 26.20 -2.99
CA LEU B 285 -3.64 25.06 -2.39
C LEU B 285 -3.99 24.00 -3.44
N HIS B 286 -4.56 24.44 -4.55
CA HIS B 286 -4.96 23.45 -5.53
C HIS B 286 -3.77 22.81 -6.22
N ALA B 287 -2.67 23.54 -6.40
CA ALA B 287 -1.47 22.94 -6.99
C ALA B 287 -0.85 21.91 -6.07
N GLU B 288 -0.80 22.20 -4.78
CA GLU B 288 -0.10 21.28 -3.90
C GLU B 288 -0.97 20.07 -3.58
N ALA B 289 -2.29 20.26 -3.56
CA ALA B 289 -3.24 19.15 -3.49
C ALA B 289 -3.18 18.27 -4.74
N TYR B 290 -3.02 18.87 -5.93
CA TYR B 290 -2.84 18.05 -7.12
C TYR B 290 -1.56 17.22 -7.03
N LEU B 291 -0.43 17.86 -6.68
CA LEU B 291 0.82 17.12 -6.62
C LEU B 291 0.78 16.01 -5.57
N HIS B 292 -0.02 16.19 -4.51
CA HIS B 292 -0.02 15.19 -3.44
C HIS B 292 -1.06 14.09 -3.64
N LEU B 293 -2.15 14.37 -4.35
CA LEU B 293 -3.22 13.40 -4.54
C LEU B 293 -3.35 12.88 -5.95
N ALA B 294 -2.87 13.59 -6.97
CA ALA B 294 -3.17 13.17 -8.33
C ALA B 294 -1.94 12.77 -9.12
N ASN B 295 -0.96 13.65 -9.26
CA ASN B 295 0.25 13.35 -10.03
C ASN B 295 0.95 12.03 -9.68
N PRO B 296 1.07 11.64 -8.41
CA PRO B 296 1.71 10.35 -8.11
C PRO B 296 1.11 9.19 -8.88
N TRP B 297 -0.22 9.09 -8.95
CA TRP B 297 -0.84 7.98 -9.66
C TRP B 297 -0.42 7.94 -11.11
N ALA B 298 -0.18 9.10 -11.72
CA ALA B 298 0.25 9.11 -13.10
C ALA B 298 1.61 8.43 -13.27
N LEU B 299 2.47 8.47 -12.25
CA LEU B 299 3.77 7.79 -12.47
C LEU B 299 3.67 6.27 -12.70
N PRO B 300 3.23 5.44 -11.74
CA PRO B 300 3.28 4.00 -11.98
C PRO B 300 2.33 3.51 -13.05
N THR B 301 1.25 4.24 -13.37
CA THR B 301 0.39 3.84 -14.48
C THR B 301 1.14 3.98 -15.80
N ALA B 302 1.92 5.05 -15.93
CA ALA B 302 2.77 5.13 -17.11
C ALA B 302 3.78 4.00 -17.12
N ALA B 303 4.38 3.69 -15.97
CA ALA B 303 5.40 2.65 -15.96
C ALA B 303 4.81 1.29 -16.34
N ALA B 304 3.61 0.99 -15.84
CA ALA B 304 3.01 -0.31 -16.14
C ALA B 304 2.58 -0.34 -17.60
N ALA B 305 2.04 0.77 -18.10
CA ALA B 305 1.75 0.86 -19.52
C ALA B 305 3.00 0.58 -20.35
N LEU B 306 4.13 1.24 -20.03
CA LEU B 306 5.33 1.05 -20.83
C LEU B 306 5.96 -0.32 -20.61
N ALA B 307 5.89 -0.85 -19.41
CA ALA B 307 6.48 -2.15 -19.19
C ALA B 307 5.79 -3.23 -19.97
N ALA B 308 4.48 -3.25 -19.90
CA ALA B 308 3.75 -4.28 -20.57
C ALA B 308 3.89 -4.12 -22.04
N ALA B 309 3.77 -2.90 -22.50
CA ALA B 309 3.86 -2.68 -23.93
C ALA B 309 5.22 -3.05 -24.44
N ALA B 310 6.25 -2.65 -23.72
CA ALA B 310 7.55 -3.00 -24.19
C ALA B 310 7.83 -4.48 -24.06
N ALA B 311 7.63 -5.05 -22.90
CA ALA B 311 7.96 -6.45 -22.74
C ALA B 311 7.17 -7.33 -23.70
N ALA B 312 5.91 -7.03 -23.89
CA ALA B 312 5.16 -7.85 -24.80
C ALA B 312 5.28 -7.39 -26.21
N GLY B 313 6.44 -7.57 -26.85
CA GLY B 313 6.52 -7.17 -28.22
C GLY B 313 7.19 -5.93 -28.81
N SER B 314 6.50 -4.81 -28.79
CA SER B 314 6.96 -3.63 -29.53
C SER B 314 8.35 -3.08 -29.28
N LEU B 315 8.72 -3.03 -28.03
CA LEU B 315 9.99 -2.43 -27.61
C LEU B 315 10.51 -1.01 -28.01
N PRO B 316 9.64 -0.03 -28.38
CA PRO B 316 10.25 1.31 -28.44
C PRO B 316 10.24 1.86 -27.00
N ALA B 317 9.30 1.38 -26.19
CA ALA B 317 9.12 1.73 -24.80
C ALA B 317 10.33 1.34 -24.00
N ALA B 318 10.92 0.19 -24.32
CA ALA B 318 12.10 -0.32 -23.64
C ALA B 318 13.22 0.67 -23.76
N ALA B 319 13.41 1.28 -24.92
CA ALA B 319 14.37 2.33 -25.03
C ALA B 319 13.82 3.38 -24.08
N LEU B 320 12.51 3.55 -24.04
CA LEU B 320 12.03 4.58 -23.12
C LEU B 320 12.28 4.21 -21.66
N LEU B 321 12.09 2.94 -21.29
CA LEU B 321 12.26 2.61 -19.88
C LEU B 321 13.71 2.30 -19.51
N ALA B 322 14.53 1.85 -20.47
CA ALA B 322 15.97 1.87 -20.24
C ALA B 322 16.45 3.30 -20.05
N THR B 323 15.88 4.24 -20.82
CA THR B 323 16.10 5.66 -20.54
C THR B 323 15.69 6.01 -19.11
N GLY B 324 14.52 5.54 -18.68
CA GLY B 324 14.07 5.86 -17.33
C GLY B 324 14.99 5.32 -16.25
N ALA B 325 15.41 4.07 -16.39
CA ALA B 325 16.32 3.48 -15.41
C ALA B 325 17.70 4.14 -15.42
N ALA B 326 18.25 4.41 -16.60
CA ALA B 326 19.59 4.99 -16.65
C ALA B 326 19.65 6.33 -15.95
N LEU B 327 18.59 7.13 -16.05
CA LEU B 327 18.45 8.38 -15.30
C LEU B 327 17.82 8.14 -13.92
N ALA B 328 17.46 6.87 -13.62
CA ALA B 328 16.87 6.57 -12.31
C ALA B 328 17.84 6.67 -11.14
N LEU B 329 19.14 6.54 -11.35
CA LEU B 329 20.05 7.08 -10.35
C LEU B 329 20.99 8.11 -10.93
N TYR B 330 20.36 9.20 -11.40
CA TYR B 330 20.71 10.52 -10.92
C TYR B 330 19.82 10.77 -9.69
N LYS B 331 20.40 11.30 -8.60
CA LYS B 331 19.73 10.95 -7.33
C LYS B 331 18.62 11.90 -6.90
N PRO B 332 18.54 13.14 -7.39
CA PRO B 332 17.30 13.90 -7.16
C PRO B 332 16.09 13.32 -7.87
N TYR B 333 16.29 12.74 -9.07
CA TYR B 333 15.21 12.03 -9.76
C TYR B 333 14.69 10.91 -8.90
N ARG B 334 15.65 10.33 -8.15
CA ARG B 334 15.48 9.17 -7.32
C ARG B 334 14.70 9.45 -6.10
N THR B 335 15.06 10.53 -5.45
CA THR B 335 14.23 11.14 -4.42
C THR B 335 12.80 11.36 -4.93
N TRP B 336 12.67 11.89 -6.15
CA TRP B 336 11.34 12.19 -6.69
C TRP B 336 10.49 10.93 -6.83
N THR B 337 11.02 9.92 -7.53
CA THR B 337 10.29 8.67 -7.67
C THR B 337 9.99 8.05 -6.31
N THR B 338 10.93 8.11 -5.38
CA THR B 338 10.63 7.52 -4.07
C THR B 338 9.55 8.29 -3.32
N MET B 339 9.48 9.61 -3.51
CA MET B 339 8.39 10.36 -2.87
C MET B 339 7.04 10.06 -3.53
N GLN B 340 7.02 9.83 -4.85
CA GLN B 340 5.79 9.37 -5.49
C GLN B 340 5.36 8.04 -4.93
N ALA B 341 6.34 7.16 -4.69
CA ALA B 341 6.08 5.88 -4.08
C ALA B 341 5.42 6.04 -2.72
N TYR B 342 6.01 6.89 -1.88
CA TYR B 342 5.45 7.13 -0.57
C TYR B 342 4.03 7.66 -0.66
N LEU B 343 3.78 8.52 -1.65
CA LEU B 343 2.47 9.17 -1.77
C LEU B 343 1.39 8.18 -2.16
N ILE B 344 1.71 7.29 -3.10
CA ILE B 344 0.75 6.25 -3.48
C ILE B 344 0.56 5.29 -2.32
N ALA B 345 1.66 4.86 -1.68
CA ALA B 345 1.56 3.99 -0.52
C ALA B 345 0.65 4.60 0.54
N ALA B 346 0.75 5.92 0.74
CA ALA B 346 -0.03 6.60 1.75
C ALA B 346 -1.52 6.63 1.41
N ALA B 347 -1.85 6.96 0.16
CA ALA B 347 -3.26 6.95 -0.21
C ALA B 347 -3.88 5.56 -0.04
N VAL B 348 -3.14 4.51 -0.45
CA VAL B 348 -3.67 3.16 -0.30
C VAL B 348 -3.82 2.79 1.16
N LYS B 349 -2.81 3.09 1.98
CA LYS B 349 -2.95 2.79 3.40
C LYS B 349 -4.08 3.58 4.03
N ASN B 350 -4.36 4.80 3.57
CA ASN B 350 -5.49 5.54 4.11
C ASN B 350 -6.82 4.84 3.82
N LEU B 351 -6.96 4.35 2.57
CA LEU B 351 -8.15 3.60 2.19
C LEU B 351 -8.34 2.38 3.06
N TRP B 352 -7.27 1.62 3.30
CA TRP B 352 -7.43 0.35 4.00
C TRP B 352 -7.27 0.52 5.52
N ASP B 353 -7.01 1.74 5.97
CA ASP B 353 -7.21 2.06 7.38
C ASP B 353 -8.72 2.25 7.66
N LYS B 354 -9.44 2.98 6.77
CA LYS B 354 -10.92 2.88 6.75
C LYS B 354 -11.50 1.50 6.47
N GLU B 355 -10.69 0.51 6.08
CA GLU B 355 -11.09 -0.92 6.05
C GLU B 355 -12.55 -1.17 5.60
#